data_2JVN
#
_entry.id   2JVN
#
loop_
_entity.id
_entity.type
_entity.pdbx_description
1 polymer 'Poly [ADP-ribose] polymerase 1'
2 non-polymer 'ZINC ION'
#
_entity_poly.entity_id   1
_entity_poly.type   'polypeptide(L)'
_entity_poly.pdbx_seq_one_letter_code
;KLEKALKAQNDLIWNIKDELKKVCSTNDLKELLIFNKQQVPSGESAILDRVADGMVFGALLPCEECSGQLVFKSDAYYCT
GDVTAWTKCMVKTQTPNRKEWVTPKEFREISYLKKLKVKKQDRIFP
;
_entity_poly.pdbx_strand_id   A
#
# COMPACT_ATOMS: atom_id res chain seq x y z
N LYS A 1 -16.67 -24.28 -1.25
CA LYS A 1 -16.00 -23.51 -2.34
C LYS A 1 -14.92 -22.59 -1.79
N LEU A 2 -14.36 -22.97 -0.64
CA LEU A 2 -13.30 -22.18 -0.03
C LEU A 2 -12.06 -22.22 -0.91
N GLU A 3 -11.87 -23.34 -1.60
CA GLU A 3 -10.73 -23.50 -2.48
C GLU A 3 -10.82 -22.52 -3.65
N LYS A 4 -11.99 -22.47 -4.27
CA LYS A 4 -12.22 -21.59 -5.40
C LYS A 4 -11.97 -20.14 -5.00
N ALA A 5 -12.36 -19.80 -3.79
CA ALA A 5 -12.17 -18.44 -3.28
C ALA A 5 -10.69 -18.08 -3.25
N LEU A 6 -9.89 -18.97 -2.68
CA LEU A 6 -8.45 -18.76 -2.57
C LEU A 6 -7.81 -18.54 -3.95
N LYS A 7 -8.23 -19.32 -4.94
CA LYS A 7 -7.67 -19.20 -6.28
C LYS A 7 -8.08 -17.88 -6.94
N ALA A 8 -9.21 -17.33 -6.55
CA ALA A 8 -9.65 -16.08 -7.12
C ALA A 8 -8.86 -14.90 -6.57
N GLN A 9 -8.54 -14.94 -5.28
CA GLN A 9 -7.78 -13.86 -4.66
C GLN A 9 -6.35 -13.86 -5.18
N ASN A 10 -5.80 -15.06 -5.36
CA ASN A 10 -4.44 -15.19 -5.84
C ASN A 10 -4.29 -14.69 -7.27
N ASP A 11 -5.25 -15.03 -8.11
CA ASP A 11 -5.23 -14.63 -9.51
C ASP A 11 -5.45 -13.14 -9.71
N LEU A 12 -6.20 -12.50 -8.82
CA LEU A 12 -6.43 -11.07 -8.95
C LEU A 12 -5.18 -10.31 -8.56
N ILE A 13 -4.53 -10.82 -7.54
CA ILE A 13 -3.30 -10.25 -7.04
C ILE A 13 -2.19 -10.28 -8.11
N TRP A 14 -2.06 -11.42 -8.78
CA TRP A 14 -1.04 -11.61 -9.82
C TRP A 14 -1.29 -10.77 -11.08
N ASN A 15 -2.55 -10.65 -11.47
CA ASN A 15 -2.91 -9.88 -12.66
C ASN A 15 -2.60 -8.42 -12.40
N ILE A 16 -2.76 -8.03 -11.16
CA ILE A 16 -2.49 -6.68 -10.74
C ILE A 16 -0.99 -6.37 -10.85
N LYS A 17 -0.15 -7.27 -10.35
CA LYS A 17 1.29 -7.08 -10.40
C LYS A 17 1.78 -6.95 -11.83
N ASP A 18 1.17 -7.70 -12.74
CA ASP A 18 1.56 -7.62 -14.15
C ASP A 18 1.24 -6.23 -14.70
N GLU A 19 0.04 -5.76 -14.41
CA GLU A 19 -0.41 -4.45 -14.88
C GLU A 19 0.56 -3.34 -14.47
N LEU A 20 0.85 -3.26 -13.18
CA LEU A 20 1.76 -2.24 -12.68
C LEU A 20 3.12 -2.34 -13.35
N LYS A 21 3.55 -3.57 -13.62
CA LYS A 21 4.83 -3.80 -14.29
C LYS A 21 4.84 -3.06 -15.62
N LYS A 22 3.72 -3.10 -16.32
CA LYS A 22 3.60 -2.42 -17.60
C LYS A 22 3.72 -0.91 -17.41
N VAL A 23 3.13 -0.41 -16.32
CA VAL A 23 3.16 1.02 -16.01
C VAL A 23 4.45 1.42 -15.29
N CYS A 24 5.08 0.46 -14.62
CA CYS A 24 6.32 0.69 -13.90
C CYS A 24 7.25 -0.49 -14.13
N SER A 25 8.46 -0.15 -14.50
CA SER A 25 9.48 -1.14 -14.78
C SER A 25 10.41 -1.27 -13.61
N THR A 26 11.44 -2.06 -13.80
CA THR A 26 12.44 -2.26 -12.79
C THR A 26 12.90 -0.92 -12.30
N ASN A 27 13.05 0.01 -13.24
CA ASN A 27 13.49 1.35 -12.91
C ASN A 27 12.40 2.18 -12.21
N ASP A 28 11.18 2.14 -12.72
CA ASP A 28 10.08 2.88 -12.12
C ASP A 28 9.65 2.21 -10.84
N LEU A 29 9.80 0.89 -10.82
CA LEU A 29 9.44 0.13 -9.64
C LEU A 29 10.27 0.62 -8.45
N LYS A 30 11.58 0.70 -8.71
CA LYS A 30 12.53 1.16 -7.73
C LYS A 30 12.25 2.59 -7.35
N GLU A 31 11.72 3.38 -8.29
CA GLU A 31 11.42 4.77 -7.99
C GLU A 31 10.33 4.88 -6.92
N LEU A 32 9.30 4.04 -7.04
CA LEU A 32 8.21 4.06 -6.08
C LEU A 32 8.70 3.67 -4.68
N LEU A 33 9.37 2.54 -4.57
CA LEU A 33 9.83 2.11 -3.25
C LEU A 33 10.82 3.09 -2.60
N ILE A 34 11.59 3.81 -3.41
CA ILE A 34 12.56 4.79 -2.90
C ILE A 34 11.86 6.01 -2.34
N PHE A 35 10.75 6.44 -2.96
CA PHE A 35 10.01 7.57 -2.41
C PHE A 35 9.48 7.13 -1.06
N ASN A 36 9.19 5.82 -0.97
CA ASN A 36 8.73 5.23 0.26
C ASN A 36 9.91 4.99 1.21
N LYS A 37 11.10 5.43 0.77
CA LYS A 37 12.32 5.30 1.57
C LYS A 37 12.85 3.88 1.61
N GLN A 38 12.43 3.02 0.68
CA GLN A 38 12.91 1.63 0.72
C GLN A 38 13.70 1.21 -0.52
N GLN A 39 14.89 0.65 -0.27
CA GLN A 39 15.76 0.12 -1.32
C GLN A 39 16.21 -1.29 -0.92
N VAL A 40 15.56 -2.31 -1.48
CA VAL A 40 15.86 -3.69 -1.13
C VAL A 40 16.30 -4.55 -2.33
N PRO A 41 17.22 -5.52 -2.12
CA PRO A 41 17.66 -6.45 -3.18
C PRO A 41 16.48 -7.33 -3.56
N SER A 42 15.79 -7.78 -2.52
CA SER A 42 14.55 -8.55 -2.61
C SER A 42 13.43 -7.56 -2.89
N GLY A 43 13.84 -6.48 -3.53
CA GLY A 43 13.06 -5.34 -3.88
C GLY A 43 12.18 -5.52 -5.05
N GLU A 44 12.56 -4.87 -6.11
CA GLU A 44 11.79 -4.75 -7.34
C GLU A 44 10.91 -5.94 -7.62
N SER A 45 11.36 -7.14 -7.42
CA SER A 45 10.43 -8.25 -7.60
C SER A 45 9.43 -8.14 -6.46
N ALA A 46 9.97 -7.66 -5.35
CA ALA A 46 9.15 -7.42 -4.17
C ALA A 46 8.44 -6.11 -4.32
N ILE A 47 8.94 -5.25 -5.19
CA ILE A 47 8.29 -3.98 -5.39
C ILE A 47 6.93 -4.19 -6.07
N LEU A 48 6.86 -5.09 -7.05
CA LEU A 48 5.62 -5.36 -7.72
C LEU A 48 4.66 -6.07 -6.81
N ASP A 49 5.17 -7.08 -6.12
CA ASP A 49 4.29 -7.88 -5.26
C ASP A 49 3.66 -7.14 -4.05
N ARG A 50 4.52 -6.61 -3.20
CA ARG A 50 4.11 -5.91 -2.00
C ARG A 50 3.44 -4.59 -2.31
N VAL A 51 3.75 -4.00 -3.45
CA VAL A 51 3.10 -2.74 -3.80
C VAL A 51 1.66 -2.98 -4.20
N ALA A 52 1.45 -3.83 -5.20
CA ALA A 52 0.09 -4.14 -5.65
C ALA A 52 -0.76 -4.45 -4.44
N ASP A 53 -0.15 -5.14 -3.49
CA ASP A 53 -0.83 -5.51 -2.27
C ASP A 53 -1.24 -4.27 -1.44
N GLY A 54 -0.35 -3.27 -1.33
CA GLY A 54 -0.64 -2.08 -0.55
C GLY A 54 -1.71 -1.20 -1.14
N MET A 55 -1.81 -1.20 -2.45
CA MET A 55 -2.79 -0.38 -3.15
C MET A 55 -4.16 -0.92 -2.97
N VAL A 56 -4.28 -2.21 -3.17
CA VAL A 56 -5.56 -2.82 -3.10
C VAL A 56 -6.13 -2.90 -1.72
N PHE A 57 -5.41 -3.59 -0.89
CA PHE A 57 -5.84 -3.81 0.44
C PHE A 57 -5.63 -2.72 1.45
N GLY A 58 -4.60 -1.86 1.31
CA GLY A 58 -4.42 -1.02 2.49
C GLY A 58 -3.28 -0.02 2.64
N ALA A 59 -2.99 0.88 1.74
CA ALA A 59 -1.87 1.74 2.00
C ALA A 59 -2.41 3.00 2.66
N LEU A 60 -1.60 3.62 3.51
CA LEU A 60 -2.13 4.65 4.42
C LEU A 60 -2.44 6.04 3.89
N LEU A 61 -3.67 6.46 4.24
CA LEU A 61 -4.19 7.79 3.93
C LEU A 61 -4.50 8.55 5.19
N PRO A 62 -4.88 9.84 5.09
CA PRO A 62 -5.19 10.65 6.26
C PRO A 62 -6.05 9.90 7.26
N CYS A 63 -5.99 10.33 8.50
CA CYS A 63 -6.74 9.71 9.58
C CYS A 63 -7.95 10.56 9.91
N GLU A 64 -7.64 11.82 10.03
CA GLU A 64 -8.58 12.88 10.34
C GLU A 64 -9.28 12.59 11.64
N GLU A 65 -8.60 11.80 12.46
CA GLU A 65 -9.01 11.62 13.81
C GLU A 65 -8.41 12.81 14.48
N CYS A 66 -7.17 13.05 14.00
CA CYS A 66 -6.36 14.12 14.43
C CYS A 66 -6.25 15.15 13.35
N SER A 67 -6.99 14.96 12.25
CA SER A 67 -6.85 15.85 11.13
C SER A 67 -5.38 15.81 10.83
N GLY A 68 -4.93 14.58 10.64
CA GLY A 68 -3.57 14.31 10.44
C GLY A 68 -3.39 13.47 9.21
N GLN A 69 -2.18 13.10 9.05
CA GLN A 69 -1.75 12.26 7.95
C GLN A 69 -1.06 11.02 8.49
N LEU A 70 -1.37 9.89 7.91
CA LEU A 70 -0.78 8.65 8.34
C LEU A 70 0.53 8.43 7.63
N VAL A 71 1.59 8.35 8.40
CA VAL A 71 2.88 8.03 7.87
C VAL A 71 3.27 6.78 8.59
N PHE A 72 3.59 5.75 7.88
CA PHE A 72 3.88 4.52 8.49
C PHE A 72 5.16 3.97 7.94
N LYS A 73 5.56 2.97 8.60
CA LYS A 73 6.70 2.18 8.27
C LYS A 73 6.30 0.74 8.49
N SER A 74 7.11 -0.16 8.07
CA SER A 74 6.80 -1.55 8.22
C SER A 74 6.87 -2.00 9.67
N ASP A 75 5.75 -2.57 10.05
CA ASP A 75 5.42 -3.13 11.36
C ASP A 75 5.25 -2.06 12.45
N ALA A 76 4.97 -0.82 12.03
CA ALA A 76 4.66 0.24 12.95
C ALA A 76 4.16 1.40 12.13
N TYR A 77 2.89 1.67 12.13
CA TYR A 77 2.36 2.76 11.39
C TYR A 77 1.92 3.79 12.40
N TYR A 78 2.35 5.00 12.23
CA TYR A 78 1.98 6.03 13.16
C TYR A 78 1.26 7.19 12.45
N CYS A 79 0.08 7.55 12.95
CA CYS A 79 -0.69 8.66 12.38
C CYS A 79 -0.50 9.89 13.24
N THR A 80 -0.11 11.03 12.69
CA THR A 80 -0.02 12.22 13.52
C THR A 80 -0.86 13.36 12.93
N GLY A 81 -1.80 13.88 13.71
CA GLY A 81 -2.60 14.98 13.25
C GLY A 81 -2.81 15.99 14.34
N ASP A 82 -3.26 17.15 13.95
CA ASP A 82 -3.59 18.21 14.88
C ASP A 82 -5.10 18.32 14.93
N VAL A 83 -5.66 18.27 16.12
CA VAL A 83 -7.10 18.33 16.28
C VAL A 83 -7.53 19.43 17.25
N THR A 84 -6.60 19.83 18.10
CA THR A 84 -6.84 20.86 19.05
C THR A 84 -5.56 21.64 19.29
N ALA A 85 -5.71 22.87 19.72
CA ALA A 85 -4.57 23.74 20.00
C ALA A 85 -3.62 23.11 21.01
N TRP A 86 -4.08 22.06 21.69
CA TRP A 86 -3.26 21.37 22.69
C TRP A 86 -3.60 19.88 22.72
N THR A 87 -4.20 19.39 21.63
CA THR A 87 -4.58 17.99 21.53
C THR A 87 -4.44 17.49 20.10
N LYS A 88 -3.79 16.35 19.96
CA LYS A 88 -3.59 15.73 18.67
C LYS A 88 -3.89 14.25 18.80
N CYS A 89 -3.96 13.58 17.67
CA CYS A 89 -4.21 12.13 17.67
C CYS A 89 -3.06 11.40 17.02
N MET A 90 -2.56 10.41 17.73
CA MET A 90 -1.52 9.57 17.25
C MET A 90 -2.07 8.16 17.36
N VAL A 91 -2.04 7.43 16.29
CA VAL A 91 -2.56 6.08 16.35
C VAL A 91 -1.49 5.12 15.91
N LYS A 92 -1.25 4.15 16.73
CA LYS A 92 -0.22 3.17 16.42
C LYS A 92 -0.83 1.88 15.92
N THR A 93 -1.04 1.74 14.60
CA THR A 93 -1.58 0.47 14.11
C THR A 93 -0.55 -0.13 13.19
N GLN A 94 -0.22 -1.42 13.28
CA GLN A 94 0.80 -1.93 12.38
C GLN A 94 0.39 -1.53 10.98
N THR A 95 -0.83 -1.87 10.65
CA THR A 95 -1.37 -1.49 9.37
C THR A 95 -2.02 -0.13 9.53
N PRO A 96 -1.75 0.79 8.60
CA PRO A 96 -2.30 2.13 8.64
C PRO A 96 -3.74 2.16 8.20
N ASN A 97 -4.39 3.31 8.34
CA ASN A 97 -5.77 3.39 7.88
C ASN A 97 -5.73 3.14 6.40
N ARG A 98 -6.35 2.02 6.00
CA ARG A 98 -6.32 1.58 4.63
C ARG A 98 -7.26 2.32 3.72
N LYS A 99 -6.61 2.88 2.75
CA LYS A 99 -7.14 3.63 1.67
C LYS A 99 -6.13 3.52 0.53
N GLU A 100 -6.42 4.19 -0.56
CA GLU A 100 -5.53 4.19 -1.68
C GLU A 100 -4.37 5.10 -1.30
N TRP A 101 -3.20 4.58 -1.48
CA TRP A 101 -1.93 5.23 -1.12
C TRP A 101 -1.30 6.05 -2.22
N VAL A 102 -0.15 6.56 -1.84
CA VAL A 102 0.64 7.44 -2.66
C VAL A 102 1.57 6.63 -3.54
N THR A 103 1.34 6.85 -4.82
CA THR A 103 2.06 6.17 -5.89
C THR A 103 2.55 7.19 -6.92
N PRO A 104 3.79 7.00 -7.45
CA PRO A 104 4.36 7.91 -8.45
C PRO A 104 3.43 8.14 -9.63
N LYS A 105 3.88 8.96 -10.57
CA LYS A 105 3.12 9.30 -11.77
C LYS A 105 2.46 8.07 -12.41
N GLU A 106 3.29 7.13 -12.86
CA GLU A 106 2.79 5.92 -13.52
C GLU A 106 1.85 5.14 -12.60
N PHE A 107 2.36 4.69 -11.47
CA PHE A 107 1.57 3.92 -10.51
C PHE A 107 0.27 4.63 -10.16
N ARG A 108 0.32 5.96 -10.15
CA ARG A 108 -0.86 6.77 -9.80
C ARG A 108 -2.13 6.30 -10.50
N GLU A 109 -1.99 5.76 -11.71
CA GLU A 109 -3.14 5.30 -12.47
C GLU A 109 -3.85 4.14 -11.79
N ILE A 110 -3.22 3.54 -10.78
CA ILE A 110 -3.82 2.41 -10.11
C ILE A 110 -4.95 2.84 -9.19
N SER A 111 -6.15 2.50 -9.61
CA SER A 111 -7.38 2.79 -8.86
C SER A 111 -8.33 1.62 -9.03
N TYR A 112 -8.15 0.89 -10.13
CA TYR A 112 -8.96 -0.27 -10.45
C TYR A 112 -8.54 -1.48 -9.63
N LEU A 113 -7.27 -1.55 -9.28
CA LEU A 113 -6.72 -2.68 -8.53
C LEU A 113 -7.60 -3.08 -7.35
N LYS A 114 -7.68 -2.20 -6.36
CA LYS A 114 -8.47 -2.47 -5.15
C LYS A 114 -9.86 -3.01 -5.48
N LYS A 115 -10.66 -2.19 -6.12
CA LYS A 115 -12.04 -2.54 -6.49
C LYS A 115 -12.15 -3.96 -7.03
N LEU A 116 -11.16 -4.38 -7.81
CA LEU A 116 -11.14 -5.70 -8.40
C LEU A 116 -11.11 -6.72 -7.30
N LYS A 117 -9.97 -6.80 -6.65
CA LYS A 117 -9.81 -7.73 -5.58
C LYS A 117 -9.11 -7.10 -4.39
N VAL A 118 -9.87 -6.53 -3.50
CA VAL A 118 -9.33 -5.93 -2.30
C VAL A 118 -9.77 -6.68 -1.08
N LYS A 119 -8.95 -7.64 -0.80
CA LYS A 119 -9.04 -8.46 0.38
C LYS A 119 -7.93 -7.97 1.27
N LYS A 120 -7.93 -8.32 2.53
CA LYS A 120 -6.88 -7.85 3.36
C LYS A 120 -5.70 -8.73 3.15
N GLN A 121 -4.89 -8.27 2.25
CA GLN A 121 -3.67 -8.96 1.89
C GLN A 121 -2.51 -8.42 2.73
N ASP A 122 -1.33 -9.01 2.53
CA ASP A 122 -0.14 -8.66 3.27
C ASP A 122 0.65 -7.52 2.65
N ARG A 123 1.17 -6.69 3.54
CA ARG A 123 1.98 -5.53 3.18
C ARG A 123 3.45 -5.75 3.51
N ILE A 124 4.25 -4.70 3.31
CA ILE A 124 5.70 -4.74 3.56
C ILE A 124 6.06 -5.06 5.03
N PHE A 125 5.19 -5.75 5.76
CA PHE A 125 5.47 -6.08 7.15
C PHE A 125 5.98 -7.51 7.26
N PRO A 126 7.30 -7.70 7.50
CA PRO A 126 7.90 -9.03 7.62
C PRO A 126 7.46 -9.73 8.91
N LYS A 1 -15.31 -25.33 -1.48
CA LYS A 1 -15.48 -23.92 -1.89
C LYS A 1 -14.35 -23.04 -1.35
N LEU A 2 -13.71 -23.50 -0.28
CA LEU A 2 -12.61 -22.76 0.30
C LEU A 2 -11.45 -22.73 -0.68
N GLU A 3 -11.32 -23.80 -1.45
CA GLU A 3 -10.27 -23.89 -2.44
C GLU A 3 -10.46 -22.85 -3.53
N LYS A 4 -11.70 -22.71 -3.99
CA LYS A 4 -12.02 -21.73 -5.01
C LYS A 4 -11.67 -20.33 -4.54
N ALA A 5 -11.92 -20.06 -3.27
CA ALA A 5 -11.61 -18.76 -2.68
C ALA A 5 -10.13 -18.46 -2.79
N LEU A 6 -9.31 -19.44 -2.42
CA LEU A 6 -7.86 -19.28 -2.47
C LEU A 6 -7.39 -18.94 -3.88
N LYS A 7 -7.95 -19.61 -4.89
CA LYS A 7 -7.58 -19.34 -6.27
C LYS A 7 -8.00 -17.95 -6.72
N ALA A 8 -9.04 -17.42 -6.11
CA ALA A 8 -9.51 -16.08 -6.48
C ALA A 8 -8.57 -15.00 -5.93
N GLN A 9 -8.06 -15.22 -4.72
CA GLN A 9 -7.15 -14.25 -4.12
C GLN A 9 -5.82 -14.25 -4.84
N ASN A 10 -5.38 -15.43 -5.26
CA ASN A 10 -4.13 -15.55 -5.96
C ASN A 10 -4.18 -14.86 -7.32
N ASP A 11 -5.28 -15.08 -8.05
CA ASP A 11 -5.46 -14.50 -9.37
C ASP A 11 -5.59 -12.99 -9.34
N LEU A 12 -6.15 -12.43 -8.28
CA LEU A 12 -6.28 -10.99 -8.20
C LEU A 12 -4.93 -10.39 -7.89
N ILE A 13 -4.14 -11.16 -7.18
CA ILE A 13 -2.79 -10.78 -6.81
C ILE A 13 -1.90 -10.61 -8.05
N TRP A 14 -1.82 -11.64 -8.88
CA TRP A 14 -0.96 -11.58 -10.08
C TRP A 14 -1.47 -10.62 -11.14
N ASN A 15 -2.78 -10.45 -11.26
CA ASN A 15 -3.32 -9.55 -12.29
C ASN A 15 -3.04 -8.11 -11.92
N ILE A 16 -3.07 -7.85 -10.65
CA ILE A 16 -2.82 -6.53 -10.12
C ILE A 16 -1.36 -6.13 -10.29
N LYS A 17 -0.46 -7.07 -9.99
CA LYS A 17 0.97 -6.81 -10.12
C LYS A 17 1.35 -6.58 -11.57
N ASP A 18 0.70 -7.28 -12.49
CA ASP A 18 0.97 -7.12 -13.91
C ASP A 18 0.60 -5.71 -14.34
N GLU A 19 -0.58 -5.27 -13.93
CA GLU A 19 -1.06 -3.94 -14.28
C GLU A 19 -0.06 -2.86 -13.85
N LEU A 20 0.34 -2.89 -12.59
CA LEU A 20 1.29 -1.92 -12.07
C LEU A 20 2.56 -1.91 -12.93
N LYS A 21 3.01 -3.10 -13.32
CA LYS A 21 4.19 -3.23 -14.16
C LYS A 21 4.04 -2.40 -15.43
N LYS A 22 2.85 -2.47 -16.01
CA LYS A 22 2.56 -1.71 -17.22
C LYS A 22 2.72 -0.21 -16.97
N VAL A 23 2.30 0.22 -15.78
CA VAL A 23 2.40 1.64 -15.41
C VAL A 23 3.78 2.00 -14.84
N CYS A 24 4.46 1.00 -14.29
CA CYS A 24 5.78 1.18 -13.71
C CYS A 24 6.65 0.00 -14.07
N SER A 25 7.82 0.32 -14.56
CA SER A 25 8.79 -0.68 -14.98
C SER A 25 9.84 -0.88 -13.92
N THR A 26 10.82 -1.67 -14.26
CA THR A 26 11.92 -1.96 -13.39
C THR A 26 12.46 -0.67 -12.86
N ASN A 27 12.55 0.32 -13.72
CA ASN A 27 13.02 1.62 -13.32
C ASN A 27 12.01 2.40 -12.49
N ASP A 28 10.75 2.41 -12.89
CA ASP A 28 9.72 3.12 -12.17
C ASP A 28 9.32 2.37 -10.91
N LEU A 29 9.41 1.04 -10.98
CA LEU A 29 9.05 0.25 -9.82
C LEU A 29 10.05 0.52 -8.68
N LYS A 30 11.33 0.58 -9.07
CA LYS A 30 12.40 0.84 -8.15
C LYS A 30 12.27 2.22 -7.58
N GLU A 31 11.79 3.16 -8.38
CA GLU A 31 11.61 4.52 -7.90
C GLU A 31 10.60 4.55 -6.76
N LEU A 32 9.52 3.80 -6.92
CA LEU A 32 8.48 3.74 -5.92
C LEU A 32 9.01 3.23 -4.58
N LEU A 33 9.68 2.09 -4.58
CA LEU A 33 10.19 1.58 -3.30
C LEU A 33 11.20 2.54 -2.67
N ILE A 34 11.92 3.27 -3.51
CA ILE A 34 12.92 4.23 -3.07
C ILE A 34 12.26 5.32 -2.24
N PHE A 35 11.11 5.81 -2.68
CA PHE A 35 10.40 6.83 -1.90
C PHE A 35 9.97 6.18 -0.60
N ASN A 36 9.68 4.88 -0.70
CA ASN A 36 9.30 4.10 0.47
C ASN A 36 10.54 3.74 1.27
N LYS A 37 11.72 4.13 0.75
CA LYS A 37 12.99 3.90 1.41
C LYS A 37 13.46 2.45 1.35
N GLN A 38 12.92 1.64 0.42
CA GLN A 38 13.37 0.24 0.39
C GLN A 38 14.18 -0.14 -0.85
N GLN A 39 15.37 -0.72 -0.60
CA GLN A 39 16.26 -1.21 -1.67
C GLN A 39 16.72 -2.63 -1.33
N VAL A 40 16.10 -3.64 -1.92
CA VAL A 40 16.46 -5.03 -1.65
C VAL A 40 16.86 -5.82 -2.92
N PRO A 41 17.76 -6.83 -2.80
CA PRO A 41 18.17 -7.67 -3.94
C PRO A 41 16.95 -8.42 -4.47
N SER A 42 16.27 -9.07 -3.53
CA SER A 42 14.99 -9.76 -3.77
C SER A 42 13.92 -8.68 -3.86
N GLY A 43 14.40 -7.51 -4.28
CA GLY A 43 13.70 -6.28 -4.40
C GLY A 43 12.85 -6.15 -5.61
N GLU A 44 13.35 -5.33 -6.49
CA GLU A 44 12.68 -4.87 -7.68
C GLU A 44 11.67 -5.85 -8.23
N SER A 45 11.96 -7.12 -8.31
CA SER A 45 10.91 -8.03 -8.72
C SER A 45 9.92 -8.11 -7.56
N ALA A 46 10.49 -8.01 -6.38
CA ALA A 46 9.69 -7.98 -5.17
C ALA A 46 9.15 -6.60 -4.98
N ILE A 47 9.77 -5.62 -5.62
CA ILE A 47 9.31 -4.26 -5.50
C ILE A 47 7.93 -4.11 -6.12
N LEU A 48 7.76 -4.59 -7.36
CA LEU A 48 6.49 -4.49 -8.04
C LEU A 48 5.44 -5.34 -7.36
N ASP A 49 5.83 -6.56 -7.00
CA ASP A 49 4.88 -7.45 -6.35
C ASP A 49 4.23 -6.80 -5.11
N ARG A 50 5.10 -6.39 -4.20
CA ARG A 50 4.72 -5.76 -2.97
C ARG A 50 3.96 -4.47 -3.20
N VAL A 51 4.17 -3.81 -4.33
CA VAL A 51 3.41 -2.56 -4.55
C VAL A 51 1.96 -2.87 -4.81
N ALA A 52 1.69 -3.68 -5.82
CA ALA A 52 0.31 -4.04 -6.13
C ALA A 52 -0.42 -4.44 -4.85
N ASP A 53 0.32 -5.16 -4.01
CA ASP A 53 -0.18 -5.63 -2.75
C ASP A 53 -0.59 -4.49 -1.79
N GLY A 54 0.25 -3.47 -1.64
CA GLY A 54 -0.05 -2.38 -0.73
C GLY A 54 -1.18 -1.48 -1.19
N MET A 55 -1.33 -1.35 -2.50
CA MET A 55 -2.36 -0.49 -3.04
C MET A 55 -3.71 -1.07 -2.78
N VAL A 56 -3.84 -2.35 -3.08
CA VAL A 56 -5.10 -2.99 -2.93
C VAL A 56 -5.51 -3.21 -1.50
N PHE A 57 -4.67 -3.94 -0.83
CA PHE A 57 -4.91 -4.33 0.51
C PHE A 57 -4.71 -3.28 1.58
N GLY A 58 -3.84 -2.28 1.38
CA GLY A 58 -3.59 -1.49 2.58
C GLY A 58 -2.61 -0.34 2.62
N ALA A 59 -2.63 0.60 1.72
CA ALA A 59 -1.66 1.63 1.80
C ALA A 59 -2.24 2.75 2.65
N LEU A 60 -1.42 3.46 3.38
CA LEU A 60 -1.95 4.39 4.40
C LEU A 60 -2.40 5.75 3.91
N LEU A 61 -3.69 6.02 4.16
CA LEU A 61 -4.28 7.32 3.83
C LEU A 61 -4.78 8.01 5.10
N PRO A 62 -5.43 9.18 4.99
CA PRO A 62 -5.93 9.92 6.16
C PRO A 62 -6.66 9.04 7.17
N CYS A 63 -6.49 9.40 8.43
CA CYS A 63 -7.12 8.71 9.55
C CYS A 63 -8.39 9.47 9.93
N GLU A 64 -8.22 10.76 9.91
CA GLU A 64 -9.22 11.76 10.22
C GLU A 64 -9.77 11.54 11.61
N GLU A 65 -8.94 10.92 12.43
CA GLU A 65 -9.20 10.86 13.82
C GLU A 65 -8.67 12.15 14.32
N CYS A 66 -7.51 12.46 13.69
CA CYS A 66 -6.77 13.64 13.94
C CYS A 66 -6.85 14.56 12.75
N SER A 67 -7.68 14.21 11.76
CA SER A 67 -7.70 14.98 10.55
C SER A 67 -6.26 15.04 10.13
N GLY A 68 -5.69 13.84 10.02
CA GLY A 68 -4.33 13.69 9.75
C GLY A 68 -4.08 12.81 8.58
N GLN A 69 -2.84 12.58 8.40
CA GLN A 69 -2.31 11.74 7.35
C GLN A 69 -1.50 10.61 7.98
N LEU A 70 -1.68 9.41 7.48
CA LEU A 70 -0.98 8.27 8.01
C LEU A 70 0.31 8.02 7.25
N VAL A 71 1.41 8.09 7.97
CA VAL A 71 2.69 7.79 7.41
C VAL A 71 3.21 6.66 8.24
N PHE A 72 3.58 5.59 7.62
CA PHE A 72 3.99 4.45 8.33
C PHE A 72 5.35 3.98 7.86
N LYS A 73 5.79 3.04 8.62
CA LYS A 73 7.00 2.33 8.41
C LYS A 73 6.65 0.88 8.68
N SER A 74 7.55 -0.01 8.38
CA SER A 74 7.29 -1.42 8.58
C SER A 74 7.30 -1.79 10.04
N ASP A 75 6.18 -2.41 10.39
CA ASP A 75 5.85 -2.91 11.72
C ASP A 75 5.61 -1.80 12.72
N ALA A 76 5.29 -0.61 12.23
CA ALA A 76 4.93 0.50 13.06
C ALA A 76 4.40 1.60 12.18
N TYR A 77 3.12 1.81 12.16
CA TYR A 77 2.54 2.84 11.35
C TYR A 77 2.08 3.93 12.29
N TYR A 78 2.47 5.13 12.03
CA TYR A 78 2.07 6.22 12.88
C TYR A 78 1.28 7.28 12.10
N CYS A 79 0.09 7.61 12.61
CA CYS A 79 -0.75 8.62 11.98
C CYS A 79 -0.66 9.92 12.75
N THR A 80 -0.37 11.04 12.11
CA THR A 80 -0.39 12.29 12.84
C THR A 80 -1.34 13.29 12.19
N GLY A 81 -2.31 13.78 12.93
CA GLY A 81 -3.22 14.76 12.41
C GLY A 81 -3.49 15.85 13.40
N ASP A 82 -4.08 16.92 12.92
CA ASP A 82 -4.48 18.02 13.75
C ASP A 82 -5.98 17.95 13.94
N VAL A 83 -6.41 17.98 15.18
CA VAL A 83 -7.83 17.88 15.50
C VAL A 83 -8.30 19.04 16.36
N THR A 84 -7.36 19.64 17.07
CA THR A 84 -7.63 20.76 17.93
C THR A 84 -6.42 21.68 17.93
N ALA A 85 -6.66 22.92 18.30
CA ALA A 85 -5.61 23.92 18.38
C ALA A 85 -4.50 23.51 19.35
N TRP A 86 -4.76 22.47 20.14
CA TRP A 86 -3.77 21.98 21.10
C TRP A 86 -3.96 20.47 21.32
N THR A 87 -4.57 19.81 20.35
CA THR A 87 -4.81 18.38 20.43
C THR A 87 -4.72 17.73 19.06
N LYS A 88 -4.00 16.63 18.99
CA LYS A 88 -3.82 15.90 17.77
C LYS A 88 -4.01 14.42 18.05
N CYS A 89 -4.11 13.63 17.00
CA CYS A 89 -4.26 12.18 17.15
C CYS A 89 -3.10 11.47 16.49
N MET A 90 -2.51 10.57 17.27
CA MET A 90 -1.44 9.75 16.82
C MET A 90 -1.93 8.33 17.02
N VAL A 91 -1.88 7.54 15.98
CA VAL A 91 -2.33 6.18 16.10
C VAL A 91 -1.21 5.26 15.74
N LYS A 92 -0.93 4.35 16.62
CA LYS A 92 0.15 3.40 16.38
C LYS A 92 -0.43 2.06 15.97
N THR A 93 -0.71 1.85 14.67
CA THR A 93 -1.23 0.55 14.28
C THR A 93 -0.22 -0.09 13.38
N GLN A 94 0.17 -1.34 13.56
CA GLN A 94 1.19 -1.88 12.66
C GLN A 94 0.75 -1.55 11.24
N THR A 95 -0.45 -2.00 10.93
CA THR A 95 -1.02 -1.70 9.64
C THR A 95 -1.79 -0.39 9.75
N PRO A 96 -1.62 0.50 8.78
CA PRO A 96 -2.27 1.80 8.78
C PRO A 96 -3.69 1.74 8.27
N ASN A 97 -4.40 2.85 8.38
CA ASN A 97 -5.77 2.89 7.88
C ASN A 97 -5.68 2.67 6.39
N ARG A 98 -6.29 1.55 5.97
CA ARG A 98 -6.20 1.16 4.58
C ARG A 98 -7.12 1.96 3.68
N LYS A 99 -6.41 2.56 2.77
CA LYS A 99 -6.86 3.38 1.71
C LYS A 99 -5.74 3.31 0.68
N GLU A 100 -5.86 4.03 -0.41
CA GLU A 100 -4.84 3.99 -1.41
C GLU A 100 -3.68 4.85 -0.92
N TRP A 101 -2.48 4.33 -1.11
CA TRP A 101 -1.21 4.95 -0.67
C TRP A 101 -0.62 5.88 -1.68
N VAL A 102 0.51 6.36 -1.24
CA VAL A 102 1.31 7.31 -1.96
C VAL A 102 2.26 6.56 -2.88
N THR A 103 2.07 6.85 -4.15
CA THR A 103 2.80 6.24 -5.24
C THR A 103 3.28 7.30 -6.23
N PRO A 104 4.51 7.17 -6.76
CA PRO A 104 5.09 8.12 -7.71
C PRO A 104 4.12 8.55 -8.82
N LYS A 105 4.65 9.39 -9.71
CA LYS A 105 3.90 9.95 -10.83
C LYS A 105 3.00 8.93 -11.57
N GLU A 106 3.63 7.94 -12.19
CA GLU A 106 2.90 6.92 -12.95
C GLU A 106 2.27 5.89 -12.04
N PHE A 107 2.74 5.83 -10.81
CA PHE A 107 2.26 4.86 -9.84
C PHE A 107 1.04 5.40 -9.06
N ARG A 108 0.84 6.71 -9.10
CA ARG A 108 -0.27 7.35 -8.37
C ARG A 108 -1.61 7.16 -9.05
N GLU A 109 -1.62 6.85 -10.34
CA GLU A 109 -2.88 6.68 -11.07
C GLU A 109 -3.69 5.49 -10.55
N ILE A 110 -3.12 4.68 -9.67
CA ILE A 110 -3.84 3.53 -9.15
C ILE A 110 -4.92 3.95 -8.17
N SER A 111 -6.15 3.80 -8.60
CA SER A 111 -7.32 4.11 -7.80
C SER A 111 -8.37 3.03 -8.05
N TYR A 112 -8.38 2.56 -9.30
CA TYR A 112 -9.30 1.52 -9.72
C TYR A 112 -9.02 0.20 -9.00
N LEU A 113 -7.76 -0.03 -8.65
CA LEU A 113 -7.35 -1.26 -7.99
C LEU A 113 -8.31 -1.64 -6.85
N LYS A 114 -8.70 -0.65 -6.06
CA LYS A 114 -9.62 -0.87 -4.93
C LYS A 114 -10.92 -1.56 -5.37
N LYS A 115 -11.49 -1.04 -6.44
CA LYS A 115 -12.73 -1.53 -7.02
C LYS A 115 -12.61 -2.95 -7.52
N LEU A 116 -11.45 -3.24 -8.10
CA LEU A 116 -11.17 -4.51 -8.68
C LEU A 116 -11.24 -5.58 -7.62
N LYS A 117 -10.11 -5.81 -6.99
CA LYS A 117 -10.06 -6.80 -5.97
C LYS A 117 -9.23 -6.37 -4.76
N VAL A 118 -9.87 -5.76 -3.79
CA VAL A 118 -9.16 -5.36 -2.60
C VAL A 118 -9.82 -5.88 -1.35
N LYS A 119 -9.36 -7.06 -1.01
CA LYS A 119 -9.75 -7.72 0.21
C LYS A 119 -8.68 -7.33 1.22
N LYS A 120 -9.08 -6.69 2.29
CA LYS A 120 -8.15 -6.18 3.25
C LYS A 120 -7.15 -7.22 3.62
N GLN A 121 -6.09 -7.13 2.89
CA GLN A 121 -4.92 -7.97 3.08
C GLN A 121 -3.91 -7.26 4.00
N ASP A 122 -2.81 -7.93 4.28
CA ASP A 122 -1.78 -7.40 5.17
C ASP A 122 -0.64 -6.72 4.41
N ARG A 123 -0.05 -5.74 5.08
CA ARG A 123 1.06 -4.93 4.56
C ARG A 123 2.42 -5.56 4.86
N ILE A 124 3.48 -4.82 4.49
CA ILE A 124 4.87 -5.25 4.69
C ILE A 124 5.19 -5.42 6.18
N PHE A 125 4.57 -6.41 6.81
CA PHE A 125 4.81 -6.68 8.22
C PHE A 125 5.05 -8.16 8.46
N PRO A 126 5.90 -8.52 9.44
CA PRO A 126 6.19 -9.93 9.75
C PRO A 126 5.01 -10.64 10.38
N LYS A 1 -16.54 -24.94 -3.79
CA LYS A 1 -16.60 -23.48 -4.08
C LYS A 1 -15.44 -22.74 -3.43
N LEU A 2 -14.86 -23.33 -2.39
CA LEU A 2 -13.73 -22.72 -1.70
C LEU A 2 -12.55 -22.67 -2.64
N GLU A 3 -12.46 -23.66 -3.51
CA GLU A 3 -11.37 -23.73 -4.47
C GLU A 3 -11.45 -22.57 -5.45
N LYS A 4 -12.66 -22.32 -5.96
CA LYS A 4 -12.88 -21.24 -6.90
C LYS A 4 -12.49 -19.90 -6.28
N ALA A 5 -12.79 -19.75 -4.99
CA ALA A 5 -12.45 -18.52 -4.28
C ALA A 5 -10.95 -18.27 -4.28
N LEU A 6 -10.20 -19.31 -3.94
CA LEU A 6 -8.75 -19.22 -3.89
C LEU A 6 -8.17 -18.80 -5.24
N LYS A 7 -8.69 -19.38 -6.32
CA LYS A 7 -8.21 -19.04 -7.66
C LYS A 7 -8.54 -17.61 -8.03
N ALA A 8 -9.59 -17.06 -7.46
CA ALA A 8 -9.96 -15.69 -7.75
C ALA A 8 -9.01 -14.70 -7.09
N GLN A 9 -8.66 -14.96 -5.84
CA GLN A 9 -7.76 -14.08 -5.11
C GLN A 9 -6.37 -14.10 -5.74
N ASN A 10 -5.94 -15.27 -6.15
CA ASN A 10 -4.64 -15.43 -6.76
C ASN A 10 -4.55 -14.67 -8.08
N ASP A 11 -5.61 -14.77 -8.87
CA ASP A 11 -5.68 -14.12 -10.18
C ASP A 11 -5.72 -12.60 -10.09
N LEU A 12 -6.29 -12.06 -9.02
CA LEU A 12 -6.36 -10.61 -8.87
C LEU A 12 -4.99 -10.10 -8.49
N ILE A 13 -4.33 -10.88 -7.67
CA ILE A 13 -2.99 -10.57 -7.21
C ILE A 13 -1.99 -10.47 -8.36
N TRP A 14 -1.92 -11.49 -9.19
CA TRP A 14 -0.98 -11.52 -10.31
C TRP A 14 -1.32 -10.52 -11.41
N ASN A 15 -2.60 -10.24 -11.63
CA ASN A 15 -2.99 -9.28 -12.65
C ASN A 15 -2.55 -7.90 -12.22
N ILE A 16 -2.55 -7.69 -10.92
CA ILE A 16 -2.14 -6.44 -10.35
C ILE A 16 -0.64 -6.21 -10.56
N LYS A 17 0.16 -7.22 -10.19
CA LYS A 17 1.61 -7.11 -10.34
C LYS A 17 2.00 -6.83 -11.79
N ASP A 18 1.28 -7.43 -12.73
CA ASP A 18 1.57 -7.22 -14.15
C ASP A 18 1.32 -5.77 -14.53
N GLU A 19 0.18 -5.24 -14.09
CA GLU A 19 -0.17 -3.85 -14.38
C GLU A 19 0.92 -2.88 -13.93
N LEU A 20 1.31 -3.00 -12.68
CA LEU A 20 2.35 -2.14 -12.11
C LEU A 20 3.63 -2.21 -12.94
N LYS A 21 3.98 -3.42 -13.36
CA LYS A 21 5.18 -3.63 -14.17
C LYS A 21 5.12 -2.79 -15.43
N LYS A 22 3.95 -2.73 -16.05
CA LYS A 22 3.77 -1.96 -17.28
C LYS A 22 3.96 -0.47 -17.05
N VAL A 23 3.38 0.05 -15.96
CA VAL A 23 3.48 1.46 -15.63
C VAL A 23 4.77 1.78 -14.86
N CYS A 24 5.29 0.77 -14.18
CA CYS A 24 6.52 0.92 -13.41
C CYS A 24 7.37 -0.31 -13.60
N SER A 25 8.62 -0.07 -13.92
CA SER A 25 9.58 -1.11 -14.14
C SER A 25 10.43 -1.29 -12.91
N THR A 26 11.41 -2.15 -13.02
CA THR A 26 12.33 -2.39 -11.94
C THR A 26 12.85 -1.05 -11.45
N ASN A 27 13.13 -0.18 -12.41
CA ASN A 27 13.63 1.14 -12.10
C ASN A 27 12.55 2.05 -11.51
N ASP A 28 11.36 2.06 -12.11
CA ASP A 28 10.26 2.87 -11.62
C ASP A 28 9.73 2.29 -10.34
N LEU A 29 9.83 0.98 -10.21
CA LEU A 29 9.39 0.31 -9.00
C LEU A 29 10.17 0.87 -7.81
N LYS A 30 11.48 0.89 -8.01
CA LYS A 30 12.41 1.40 -7.02
C LYS A 30 12.10 2.86 -6.76
N GLU A 31 11.60 3.57 -7.76
CA GLU A 31 11.27 4.98 -7.56
C GLU A 31 10.15 5.13 -6.53
N LEU A 32 9.11 4.32 -6.68
CA LEU A 32 7.96 4.35 -5.77
C LEU A 32 8.39 4.13 -4.33
N LEU A 33 9.12 3.07 -4.08
CA LEU A 33 9.54 2.82 -2.68
C LEU A 33 10.45 3.94 -2.15
N ILE A 34 11.21 4.54 -3.05
CA ILE A 34 12.13 5.62 -2.72
C ILE A 34 11.37 6.80 -2.13
N PHE A 35 10.24 7.15 -2.74
CA PHE A 35 9.44 8.24 -2.20
C PHE A 35 8.88 7.76 -0.87
N ASN A 36 8.72 6.44 -0.77
CA ASN A 36 8.27 5.81 0.46
C ASN A 36 9.42 5.71 1.44
N LYS A 37 10.62 6.10 0.98
CA LYS A 37 11.82 6.11 1.80
C LYS A 37 12.42 4.72 1.98
N GLN A 38 12.06 3.75 1.13
CA GLN A 38 12.63 2.40 1.32
C GLN A 38 13.50 1.92 0.15
N GLN A 39 14.72 1.48 0.49
CA GLN A 39 15.67 0.92 -0.48
C GLN A 39 16.22 -0.41 0.04
N VAL A 40 15.68 -1.53 -0.44
CA VAL A 40 16.12 -2.85 0.01
C VAL A 40 16.63 -3.74 -1.15
N PRO A 41 17.63 -4.62 -0.88
CA PRO A 41 18.15 -5.57 -1.89
C PRO A 41 17.03 -6.48 -2.35
N SER A 42 16.35 -7.07 -1.36
CA SER A 42 15.17 -7.91 -1.56
C SER A 42 13.99 -6.97 -1.81
N GLY A 43 14.36 -5.81 -2.32
CA GLY A 43 13.53 -4.69 -2.61
C GLY A 43 12.77 -4.80 -3.87
N GLU A 44 13.23 -4.00 -4.80
CA GLU A 44 12.61 -3.79 -6.08
C GLU A 44 11.84 -4.98 -6.60
N SER A 45 12.31 -6.18 -6.46
CA SER A 45 11.47 -7.29 -6.86
C SER A 45 10.35 -7.38 -5.83
N ALA A 46 10.75 -7.07 -4.61
CA ALA A 46 9.81 -7.02 -3.50
C ALA A 46 9.08 -5.72 -3.55
N ILE A 47 9.62 -4.75 -4.24
CA ILE A 47 8.96 -3.47 -4.35
C ILE A 47 7.70 -3.60 -5.17
N LEU A 48 7.74 -4.31 -6.30
CA LEU A 48 6.57 -4.48 -7.12
C LEU A 48 5.55 -5.40 -6.46
N ASP A 49 6.04 -6.47 -5.85
CA ASP A 49 5.12 -7.43 -5.23
C ASP A 49 4.31 -6.87 -4.04
N ARG A 50 5.04 -6.43 -3.03
CA ARG A 50 4.47 -5.89 -1.81
C ARG A 50 3.74 -4.60 -2.05
N VAL A 51 4.15 -3.82 -3.04
CA VAL A 51 3.47 -2.58 -3.28
C VAL A 51 2.11 -2.81 -3.86
N ALA A 52 2.00 -3.64 -4.87
CA ALA A 52 0.70 -3.93 -5.46
C ALA A 52 -0.26 -4.38 -4.36
N ASP A 53 0.27 -5.19 -3.47
CA ASP A 53 -0.50 -5.73 -2.36
C ASP A 53 -1.07 -4.62 -1.45
N GLY A 54 -0.24 -3.68 -1.01
CA GLY A 54 -0.68 -2.62 -0.12
C GLY A 54 -1.58 -1.60 -0.77
N MET A 55 -1.42 -1.38 -2.05
CA MET A 55 -2.20 -0.40 -2.75
C MET A 55 -3.62 -0.85 -2.80
N VAL A 56 -3.82 -2.12 -3.12
CA VAL A 56 -5.15 -2.59 -3.21
C VAL A 56 -5.82 -2.70 -1.86
N PHE A 57 -5.24 -3.56 -1.06
CA PHE A 57 -5.72 -3.86 0.27
C PHE A 57 -5.32 -2.91 1.40
N GLY A 58 -4.19 -2.21 1.27
CA GLY A 58 -3.68 -1.56 2.47
C GLY A 58 -2.84 -0.32 2.40
N ALA A 59 -3.24 0.67 1.65
CA ALA A 59 -2.47 1.83 1.53
C ALA A 59 -2.96 2.82 2.58
N LEU A 60 -2.10 3.64 3.16
CA LEU A 60 -2.54 4.47 4.30
C LEU A 60 -3.24 5.77 3.93
N LEU A 61 -4.38 6.00 4.59
CA LEU A 61 -5.17 7.21 4.38
C LEU A 61 -5.28 8.03 5.66
N PRO A 62 -5.74 9.28 5.55
CA PRO A 62 -5.88 10.15 6.70
C PRO A 62 -6.53 9.44 7.87
N CYS A 63 -6.22 9.89 9.07
CA CYS A 63 -6.76 9.29 10.28
C CYS A 63 -7.91 10.14 10.77
N GLU A 64 -7.64 11.42 10.74
CA GLU A 64 -8.52 12.48 11.14
C GLU A 64 -8.95 12.31 12.58
N GLU A 65 -8.09 11.63 13.34
CA GLU A 65 -8.23 11.59 14.75
C GLU A 65 -7.56 12.86 15.16
N CYS A 66 -6.45 13.08 14.42
CA CYS A 66 -5.60 14.20 14.57
C CYS A 66 -5.74 15.12 13.38
N SER A 67 -6.70 14.81 12.49
CA SER A 67 -6.80 15.58 11.27
C SER A 67 -5.41 15.53 10.69
N GLY A 68 -4.97 14.30 10.53
CA GLY A 68 -3.67 14.01 10.11
C GLY A 68 -3.68 13.06 8.96
N GLN A 69 -2.51 12.69 8.62
CA GLN A 69 -2.26 11.76 7.55
C GLN A 69 -1.43 10.60 8.07
N LEU A 70 -1.79 9.39 7.66
CA LEU A 70 -1.07 8.23 8.12
C LEU A 70 0.12 7.99 7.21
N VAL A 71 1.30 8.05 7.80
CA VAL A 71 2.51 7.74 7.10
C VAL A 71 3.11 6.61 7.87
N PHE A 72 3.41 5.53 7.22
CA PHE A 72 3.89 4.39 7.87
C PHE A 72 5.14 3.88 7.21
N LYS A 73 5.67 2.97 7.89
CA LYS A 73 6.81 2.22 7.48
C LYS A 73 6.47 0.79 7.83
N SER A 74 7.22 -0.12 7.32
CA SER A 74 6.95 -1.51 7.58
C SER A 74 7.24 -1.89 9.03
N ASP A 75 6.20 -2.45 9.60
CA ASP A 75 6.08 -2.95 10.97
C ASP A 75 5.96 -1.83 12.01
N ALA A 76 5.58 -0.63 11.56
CA ALA A 76 5.31 0.46 12.45
C ALA A 76 4.68 1.56 11.63
N TYR A 77 3.40 1.79 11.75
CA TYR A 77 2.76 2.83 11.01
C TYR A 77 2.43 3.91 12.01
N TYR A 78 2.82 5.11 11.71
CA TYR A 78 2.54 6.20 12.61
C TYR A 78 1.71 7.28 11.91
N CYS A 79 0.59 7.65 12.53
CA CYS A 79 -0.27 8.69 11.98
C CYS A 79 0.01 9.99 12.69
N THR A 80 0.28 11.08 11.97
CA THR A 80 0.47 12.33 12.67
C THR A 80 -0.49 13.39 12.14
N GLY A 81 -1.30 13.97 13.01
CA GLY A 81 -2.20 15.00 12.59
C GLY A 81 -2.23 16.13 13.59
N ASP A 82 -2.78 17.25 13.16
CA ASP A 82 -2.95 18.39 14.01
C ASP A 82 -4.41 18.46 14.40
N VAL A 83 -4.67 18.55 15.69
CA VAL A 83 -6.03 18.59 16.20
C VAL A 83 -6.28 19.80 17.08
N THR A 84 -5.21 20.36 17.60
CA THR A 84 -5.26 21.52 18.44
C THR A 84 -4.00 22.34 18.24
N ALA A 85 -4.01 23.51 18.81
CA ALA A 85 -2.87 24.43 18.72
C ALA A 85 -1.66 23.90 19.50
N TRP A 86 -1.88 22.85 20.29
CA TRP A 86 -0.80 22.24 21.06
C TRP A 86 -1.12 20.78 21.36
N THR A 87 -1.92 20.18 20.50
CA THR A 87 -2.31 18.79 20.65
C THR A 87 -2.48 18.12 19.30
N LYS A 88 -1.90 16.94 19.16
CA LYS A 88 -1.97 16.18 17.94
C LYS A 88 -2.26 14.73 18.27
N CYS A 89 -2.55 13.95 17.26
CA CYS A 89 -2.81 12.52 17.46
C CYS A 89 -1.82 11.71 16.65
N MET A 90 -1.21 10.76 17.37
CA MET A 90 -0.29 9.84 16.79
C MET A 90 -0.85 8.47 17.06
N VAL A 91 -0.97 7.68 16.04
CA VAL A 91 -1.50 6.35 16.23
C VAL A 91 -0.50 5.35 15.76
N LYS A 92 -0.18 4.42 16.61
CA LYS A 92 0.80 3.42 16.26
C LYS A 92 0.16 2.10 15.89
N THR A 93 -0.22 1.90 14.61
CA THR A 93 -0.80 0.61 14.25
C THR A 93 0.14 -0.06 13.27
N GLN A 94 0.45 -1.35 13.44
CA GLN A 94 1.39 -1.97 12.49
C GLN A 94 1.00 -1.54 11.10
N THR A 95 -0.13 -2.04 10.68
CA THR A 95 -0.67 -1.67 9.39
C THR A 95 -1.53 -0.42 9.58
N PRO A 96 -1.39 0.56 8.69
CA PRO A 96 -2.13 1.81 8.78
C PRO A 96 -3.58 1.65 8.42
N ASN A 97 -4.37 2.70 8.63
CA ASN A 97 -5.77 2.62 8.29
C ASN A 97 -5.86 2.44 6.79
N ARG A 98 -6.40 1.29 6.39
CA ARG A 98 -6.45 0.94 4.99
C ARG A 98 -7.56 1.62 4.20
N LYS A 99 -7.04 2.32 3.24
CA LYS A 99 -7.69 3.08 2.22
C LYS A 99 -6.65 3.20 1.12
N GLU A 100 -6.96 3.94 0.08
CA GLU A 100 -6.03 4.09 -0.99
C GLU A 100 -4.92 5.05 -0.52
N TRP A 101 -3.70 4.59 -0.71
CA TRP A 101 -2.43 5.26 -0.32
C TRP A 101 -1.90 6.06 -1.46
N VAL A 102 -0.73 6.57 -1.19
CA VAL A 102 -0.02 7.40 -2.11
C VAL A 102 0.83 6.53 -3.03
N THR A 103 0.46 6.65 -4.29
CA THR A 103 1.04 5.91 -5.40
C THR A 103 1.39 6.87 -6.53
N PRO A 104 2.52 6.65 -7.23
CA PRO A 104 2.94 7.50 -8.33
C PRO A 104 1.78 7.93 -9.23
N LYS A 105 2.06 8.84 -10.15
CA LYS A 105 1.04 9.36 -11.06
C LYS A 105 0.11 8.27 -11.63
N GLU A 106 0.66 7.34 -12.40
CA GLU A 106 -0.15 6.28 -13.00
C GLU A 106 -0.41 5.12 -12.03
N PHE A 107 0.52 4.89 -11.11
CA PHE A 107 0.38 3.81 -10.14
C PHE A 107 -0.98 3.82 -9.44
N ARG A 108 -1.55 5.01 -9.29
CA ARG A 108 -2.84 5.16 -8.62
C ARG A 108 -4.02 4.85 -9.53
N GLU A 109 -3.93 5.25 -10.80
CA GLU A 109 -5.01 5.03 -11.76
C GLU A 109 -5.46 3.58 -11.83
N ILE A 110 -4.64 2.75 -12.46
CA ILE A 110 -4.96 1.34 -12.60
C ILE A 110 -4.50 0.54 -11.39
N SER A 111 -4.72 -0.76 -11.45
CA SER A 111 -4.38 -1.64 -10.34
C SER A 111 -5.52 -1.62 -9.33
N TYR A 112 -6.44 -0.69 -9.52
CA TYR A 112 -7.60 -0.57 -8.67
C TYR A 112 -8.64 -1.61 -9.06
N LEU A 113 -8.67 -1.93 -10.36
CA LEU A 113 -9.63 -2.89 -10.90
C LEU A 113 -9.72 -4.14 -10.00
N LYS A 114 -8.59 -4.77 -9.74
CA LYS A 114 -8.54 -5.96 -8.90
C LYS A 114 -8.85 -5.63 -7.44
N LYS A 115 -8.33 -4.50 -6.97
CA LYS A 115 -8.51 -4.04 -5.59
C LYS A 115 -9.97 -4.10 -5.18
N LEU A 116 -10.85 -3.79 -6.12
CA LEU A 116 -12.27 -3.83 -5.88
C LEU A 116 -12.61 -5.23 -5.49
N LYS A 117 -11.78 -6.15 -5.96
CA LYS A 117 -11.92 -7.53 -5.58
C LYS A 117 -10.59 -8.06 -5.06
N VAL A 118 -10.32 -7.75 -3.79
CA VAL A 118 -9.13 -8.15 -3.08
C VAL A 118 -9.41 -8.11 -1.60
N LYS A 119 -9.63 -9.27 -1.04
CA LYS A 119 -9.88 -9.35 0.37
C LYS A 119 -8.64 -8.79 1.02
N LYS A 120 -8.84 -7.86 1.93
CA LYS A 120 -7.77 -7.16 2.53
C LYS A 120 -6.71 -8.10 2.95
N GLN A 121 -5.78 -8.18 2.06
CA GLN A 121 -4.62 -9.03 2.23
C GLN A 121 -3.51 -8.27 2.96
N ASP A 122 -2.61 -9.04 3.54
CA ASP A 122 -1.51 -8.55 4.35
C ASP A 122 -0.54 -7.64 3.61
N ARG A 123 -0.24 -6.53 4.28
CA ARG A 123 0.69 -5.50 3.78
C ARG A 123 2.12 -6.01 3.84
N ILE A 124 3.08 -5.13 3.50
CA ILE A 124 4.50 -5.49 3.54
C ILE A 124 4.83 -6.29 4.80
N PHE A 125 4.04 -6.10 5.86
CA PHE A 125 4.24 -6.82 7.11
C PHE A 125 2.91 -7.39 7.62
N PRO A 126 2.91 -8.66 8.06
CA PRO A 126 1.69 -9.31 8.56
C PRO A 126 0.96 -8.45 9.58
N LYS A 1 -14.47 -25.91 -2.20
CA LYS A 1 -14.02 -24.93 -3.23
C LYS A 1 -12.88 -24.06 -2.71
N LEU A 2 -12.12 -24.61 -1.76
CA LEU A 2 -11.00 -23.88 -1.20
C LEU A 2 -9.93 -23.69 -2.26
N GLU A 3 -9.82 -24.67 -3.15
CA GLU A 3 -8.85 -24.60 -4.23
C GLU A 3 -9.17 -23.46 -5.17
N LYS A 4 -10.44 -23.37 -5.57
CA LYS A 4 -10.88 -22.32 -6.47
C LYS A 4 -10.58 -20.95 -5.87
N ALA A 5 -10.76 -20.83 -4.56
CA ALA A 5 -10.50 -19.56 -3.88
C ALA A 5 -9.04 -19.15 -4.04
N LEU A 6 -8.15 -20.09 -3.78
CA LEU A 6 -6.71 -19.84 -3.90
C LEU A 6 -6.33 -19.36 -5.29
N LYS A 7 -6.93 -19.96 -6.32
CA LYS A 7 -6.62 -19.56 -7.69
C LYS A 7 -7.16 -18.17 -8.00
N ALA A 8 -8.20 -17.75 -7.32
CA ALA A 8 -8.77 -16.43 -7.54
C ALA A 8 -7.88 -15.34 -6.95
N GLN A 9 -7.32 -15.60 -5.78
CA GLN A 9 -6.46 -14.61 -5.12
C GLN A 9 -5.14 -14.49 -5.87
N ASN A 10 -4.66 -15.61 -6.38
CA ASN A 10 -3.40 -15.64 -7.11
C ASN A 10 -3.50 -14.89 -8.43
N ASP A 11 -4.62 -15.06 -9.12
CA ASP A 11 -4.84 -14.41 -10.41
C ASP A 11 -5.10 -12.92 -10.29
N LEU A 12 -5.70 -12.47 -9.19
CA LEU A 12 -5.97 -11.04 -9.03
C LEU A 12 -4.67 -10.33 -8.72
N ILE A 13 -3.85 -10.99 -7.93
CA ILE A 13 -2.57 -10.47 -7.53
C ILE A 13 -1.64 -10.27 -8.74
N TRP A 14 -1.55 -11.29 -9.58
CA TRP A 14 -0.69 -11.27 -10.77
C TRP A 14 -1.18 -10.30 -11.83
N ASN A 15 -2.48 -10.09 -11.94
CA ASN A 15 -3.02 -9.18 -12.93
C ASN A 15 -2.69 -7.75 -12.53
N ILE A 16 -2.72 -7.52 -11.25
CA ILE A 16 -2.40 -6.22 -10.70
C ILE A 16 -0.92 -5.91 -10.91
N LYS A 17 -0.07 -6.94 -10.79
CA LYS A 17 1.37 -6.78 -10.97
C LYS A 17 1.69 -6.40 -12.40
N ASP A 18 1.01 -7.00 -13.36
CA ASP A 18 1.23 -6.69 -14.76
C ASP A 18 0.85 -5.25 -15.05
N GLU A 19 -0.30 -4.83 -14.53
CA GLU A 19 -0.78 -3.46 -14.74
C GLU A 19 0.25 -2.42 -14.29
N LEU A 20 0.69 -2.54 -13.04
CA LEU A 20 1.67 -1.61 -12.49
C LEU A 20 2.94 -1.61 -13.33
N LYS A 21 3.31 -2.77 -13.84
CA LYS A 21 4.49 -2.90 -14.67
C LYS A 21 4.38 -1.98 -15.88
N LYS A 22 3.19 -1.93 -16.46
CA LYS A 22 2.94 -1.09 -17.63
C LYS A 22 3.08 0.38 -17.26
N VAL A 23 2.59 0.74 -16.08
CA VAL A 23 2.65 2.14 -15.61
C VAL A 23 3.99 2.44 -14.93
N CYS A 24 4.63 1.40 -14.40
CA CYS A 24 5.91 1.52 -13.72
C CYS A 24 6.79 0.35 -14.13
N SER A 25 7.99 0.68 -14.52
CA SER A 25 8.95 -0.32 -14.94
C SER A 25 9.91 -0.62 -13.82
N THR A 26 10.90 -1.42 -14.13
CA THR A 26 11.92 -1.77 -13.17
C THR A 26 12.44 -0.50 -12.55
N ASN A 27 12.61 0.51 -13.38
CA ASN A 27 13.10 1.79 -12.91
C ASN A 27 12.06 2.56 -12.11
N ASP A 28 10.83 2.62 -12.61
CA ASP A 28 9.75 3.31 -11.92
C ASP A 28 9.32 2.53 -10.71
N LEU A 29 9.44 1.21 -10.80
CA LEU A 29 9.07 0.36 -9.70
C LEU A 29 9.95 0.69 -8.49
N LYS A 30 11.25 0.78 -8.76
CA LYS A 30 12.24 1.10 -7.76
C LYS A 30 11.98 2.49 -7.23
N GLU A 31 11.46 3.38 -8.06
CA GLU A 31 11.17 4.73 -7.61
C GLU A 31 10.11 4.72 -6.51
N LEU A 32 9.07 3.94 -6.72
CA LEU A 32 7.98 3.84 -5.76
C LEU A 32 8.48 3.34 -4.41
N LEU A 33 9.18 2.23 -4.40
CA LEU A 33 9.67 1.70 -3.12
C LEU A 33 10.62 2.68 -2.43
N ILE A 34 11.34 3.47 -3.21
CA ILE A 34 12.28 4.46 -2.69
C ILE A 34 11.54 5.54 -1.93
N PHE A 35 10.39 5.98 -2.43
CA PHE A 35 9.61 6.97 -1.71
C PHE A 35 9.17 6.34 -0.42
N ASN A 36 8.93 5.02 -0.48
CA ASN A 36 8.56 4.26 0.69
C ASN A 36 9.79 3.96 1.54
N LYS A 37 10.95 4.47 1.08
CA LYS A 37 12.21 4.31 1.80
C LYS A 37 12.78 2.91 1.69
N GLN A 38 12.33 2.10 0.73
CA GLN A 38 12.88 0.74 0.64
C GLN A 38 13.68 0.46 -0.63
N GLN A 39 14.89 -0.07 -0.44
CA GLN A 39 15.78 -0.46 -1.53
C GLN A 39 16.30 -1.88 -1.27
N VAL A 40 15.70 -2.88 -1.90
CA VAL A 40 16.09 -4.27 -1.68
C VAL A 40 16.53 -5.00 -2.96
N PRO A 41 17.52 -5.93 -2.86
CA PRO A 41 17.97 -6.73 -4.02
C PRO A 41 16.81 -7.60 -4.48
N SER A 42 16.18 -8.21 -3.48
CA SER A 42 14.96 -9.01 -3.64
C SER A 42 13.80 -8.04 -3.77
N GLY A 43 14.15 -6.88 -4.30
CA GLY A 43 13.32 -5.72 -4.48
C GLY A 43 12.41 -5.80 -5.64
N GLU A 44 12.75 -5.03 -6.63
CA GLU A 44 11.94 -4.81 -7.81
C GLU A 44 11.08 -5.99 -8.21
N SER A 45 11.57 -7.19 -8.13
CA SER A 45 10.66 -8.29 -8.40
C SER A 45 9.69 -8.33 -7.22
N ALA A 46 10.24 -7.97 -6.08
CA ALA A 46 9.48 -7.87 -4.86
C ALA A 46 8.74 -6.56 -4.85
N ILE A 47 9.20 -5.61 -5.64
CA ILE A 47 8.53 -4.34 -5.70
C ILE A 47 7.15 -4.51 -6.34
N LEU A 48 7.05 -5.33 -7.37
CA LEU A 48 5.79 -5.56 -8.03
C LEU A 48 4.88 -6.37 -7.15
N ASP A 49 5.42 -7.41 -6.56
CA ASP A 49 4.59 -8.30 -5.72
C ASP A 49 3.99 -7.66 -4.44
N ARG A 50 4.88 -7.20 -3.59
CA ARG A 50 4.52 -6.58 -2.32
C ARG A 50 3.82 -5.26 -2.51
N VAL A 51 4.08 -4.58 -3.61
CA VAL A 51 3.41 -3.31 -3.82
C VAL A 51 1.96 -3.53 -4.18
N ALA A 52 1.70 -4.32 -5.23
CA ALA A 52 0.33 -4.60 -5.63
C ALA A 52 -0.48 -5.02 -4.41
N ASP A 53 0.16 -5.78 -3.54
CA ASP A 53 -0.48 -6.24 -2.33
C ASP A 53 -0.83 -5.07 -1.40
N GLY A 54 0.06 -4.08 -1.30
CA GLY A 54 -0.17 -2.95 -0.42
C GLY A 54 -1.25 -2.00 -0.89
N MET A 55 -1.41 -1.90 -2.20
CA MET A 55 -2.39 -1.02 -2.78
C MET A 55 -3.77 -1.55 -2.60
N VAL A 56 -3.92 -2.82 -2.86
CA VAL A 56 -5.21 -3.43 -2.78
C VAL A 56 -5.71 -3.57 -1.39
N PHE A 57 -4.94 -4.26 -0.61
CA PHE A 57 -5.32 -4.56 0.73
C PHE A 57 -5.18 -3.47 1.75
N GLY A 58 -4.24 -2.53 1.60
CA GLY A 58 -4.11 -1.69 2.80
C GLY A 58 -3.03 -0.65 2.93
N ALA A 59 -2.80 0.26 2.02
CA ALA A 59 -1.72 1.17 2.26
C ALA A 59 -2.29 2.41 2.92
N LEU A 60 -1.51 3.06 3.77
CA LEU A 60 -2.07 4.07 4.68
C LEU A 60 -2.38 5.44 4.11
N LEU A 61 -3.60 5.86 4.43
CA LEU A 61 -4.13 7.19 4.04
C LEU A 61 -4.43 8.01 5.28
N PRO A 62 -4.75 9.31 5.12
CA PRO A 62 -5.03 10.19 6.24
C PRO A 62 -5.95 9.52 7.26
N CYS A 63 -5.82 9.94 8.51
CA CYS A 63 -6.60 9.38 9.61
C CYS A 63 -7.78 10.28 9.88
N GLU A 64 -7.48 11.55 9.83
CA GLU A 64 -8.40 12.64 10.05
C GLU A 64 -9.04 12.53 11.41
N GLU A 65 -8.32 11.86 12.30
CA GLU A 65 -8.66 11.87 13.68
C GLU A 65 -8.03 13.15 14.15
N CYS A 66 -6.81 13.32 13.57
CA CYS A 66 -5.99 14.43 13.82
C CYS A 66 -5.98 15.32 12.60
N SER A 67 -6.79 14.97 11.60
CA SER A 67 -6.76 15.71 10.36
C SER A 67 -5.31 15.68 9.97
N GLY A 68 -4.81 14.46 9.90
CA GLY A 68 -3.47 14.21 9.66
C GLY A 68 -3.29 13.23 8.56
N GLN A 69 -2.06 12.91 8.41
CA GLN A 69 -1.60 11.95 7.45
C GLN A 69 -0.78 10.91 8.19
N LEU A 70 -1.04 9.65 7.94
CA LEU A 70 -0.32 8.63 8.64
C LEU A 70 0.87 8.18 7.83
N VAL A 71 2.01 8.11 8.50
CA VAL A 71 3.21 7.63 7.92
C VAL A 71 3.55 6.44 8.78
N PHE A 72 3.74 5.32 8.17
CA PHE A 72 3.97 4.14 8.89
C PHE A 72 5.17 3.43 8.33
N LYS A 73 5.53 2.46 9.08
CA LYS A 73 6.57 1.56 8.78
C LYS A 73 6.05 0.18 9.16
N SER A 74 6.77 -0.82 8.80
CA SER A 74 6.36 -2.17 9.09
C SER A 74 6.51 -2.47 10.57
N ASP A 75 5.39 -2.93 11.08
CA ASP A 75 5.16 -3.32 12.47
C ASP A 75 5.08 -2.13 13.43
N ALA A 76 4.79 -0.93 12.89
CA ALA A 76 4.57 0.24 13.69
C ALA A 76 4.08 1.33 12.76
N TYR A 77 2.83 1.67 12.79
CA TYR A 77 2.33 2.69 11.93
C TYR A 77 1.94 3.85 12.82
N TYR A 78 2.41 5.02 12.53
CA TYR A 78 2.07 6.15 13.35
C TYR A 78 1.44 7.27 12.52
N CYS A 79 0.27 7.74 12.96
CA CYS A 79 -0.44 8.80 12.26
C CYS A 79 -0.24 10.13 12.98
N THR A 80 0.17 11.18 12.28
CA THR A 80 0.27 12.46 12.95
C THR A 80 -0.58 13.51 12.22
N GLY A 81 -1.51 14.13 12.92
CA GLY A 81 -2.32 15.16 12.32
C GLY A 81 -2.49 16.32 13.26
N ASP A 82 -2.97 17.42 12.71
CA ASP A 82 -3.26 18.60 13.49
C ASP A 82 -4.76 18.69 13.66
N VAL A 83 -5.19 18.83 14.89
CA VAL A 83 -6.61 18.89 15.19
C VAL A 83 -6.97 20.13 16.01
N THR A 84 -5.97 20.70 16.65
CA THR A 84 -6.13 21.88 17.44
C THR A 84 -4.87 22.72 17.37
N ALA A 85 -4.96 23.92 17.90
CA ALA A 85 -3.84 24.84 17.92
C ALA A 85 -2.72 24.35 18.85
N TRP A 86 -3.04 23.33 19.65
CA TRP A 86 -2.06 22.76 20.57
C TRP A 86 -2.43 21.31 20.89
N THR A 87 -3.14 20.68 19.96
CA THR A 87 -3.56 19.29 20.12
C THR A 87 -3.54 18.56 18.78
N LYS A 88 -2.95 17.39 18.79
CA LYS A 88 -2.86 16.58 17.60
C LYS A 88 -3.21 15.14 17.95
N CYS A 89 -3.36 14.32 16.94
CA CYS A 89 -3.66 12.91 17.15
C CYS A 89 -2.57 12.05 16.55
N MET A 90 -2.06 11.16 17.39
CA MET A 90 -1.07 10.22 16.98
C MET A 90 -1.65 8.86 17.27
N VAL A 91 -1.67 8.01 16.29
CA VAL A 91 -2.22 6.69 16.49
C VAL A 91 -1.17 5.66 16.18
N LYS A 92 -0.94 4.80 17.10
CA LYS A 92 0.06 3.76 16.89
C LYS A 92 -0.64 2.44 16.58
N THR A 93 -1.01 2.19 15.31
CA THR A 93 -1.64 0.91 15.03
C THR A 93 -0.66 0.14 14.18
N GLN A 94 -0.44 -1.13 14.41
CA GLN A 94 0.55 -1.80 13.58
C GLN A 94 0.28 -1.45 12.15
N THR A 95 -0.84 -1.90 11.67
CA THR A 95 -1.24 -1.59 10.32
C THR A 95 -1.95 -0.25 10.32
N PRO A 96 -1.61 0.63 9.37
CA PRO A 96 -2.21 1.95 9.26
C PRO A 96 -3.64 1.90 8.78
N ASN A 97 -4.30 3.05 8.81
CA ASN A 97 -5.68 3.05 8.33
C ASN A 97 -5.60 2.68 6.86
N ARG A 98 -6.19 1.52 6.55
CA ARG A 98 -6.13 1.00 5.21
C ARG A 98 -7.10 1.68 4.28
N LYS A 99 -6.47 2.24 3.29
CA LYS A 99 -7.04 2.96 2.21
C LYS A 99 -6.06 2.89 1.06
N GLU A 100 -6.41 3.58 0.00
CA GLU A 100 -5.56 3.64 -1.13
C GLU A 100 -4.44 4.60 -0.75
N TRP A 101 -3.25 4.12 -0.98
CA TRP A 101 -1.98 4.76 -0.60
C TRP A 101 -1.39 5.68 -1.62
N VAL A 102 -0.24 6.17 -1.20
CA VAL A 102 0.56 7.11 -1.92
C VAL A 102 1.50 6.37 -2.85
N THR A 103 1.31 6.68 -4.12
CA THR A 103 2.04 6.06 -5.21
C THR A 103 2.56 7.13 -6.17
N PRO A 104 3.80 6.96 -6.68
CA PRO A 104 4.41 7.92 -7.61
C PRO A 104 3.47 8.33 -8.74
N LYS A 105 4.01 9.15 -9.64
CA LYS A 105 3.27 9.68 -10.78
C LYS A 105 2.41 8.61 -11.49
N GLU A 106 3.04 7.53 -11.92
CA GLU A 106 2.34 6.47 -12.66
C GLU A 106 1.55 5.55 -11.75
N PHE A 107 2.21 4.96 -10.76
CA PHE A 107 1.56 4.04 -9.83
C PHE A 107 0.27 4.63 -9.25
N ARG A 108 0.20 5.96 -9.20
CA ARG A 108 -0.98 6.63 -8.65
C ARG A 108 -2.24 6.32 -9.45
N GLU A 109 -2.08 5.79 -10.66
CA GLU A 109 -3.22 5.47 -11.50
C GLU A 109 -4.10 4.40 -10.88
N ILE A 110 -3.56 3.63 -9.94
CA ILE A 110 -4.32 2.57 -9.31
C ILE A 110 -5.33 3.13 -8.32
N SER A 111 -6.58 3.03 -8.71
CA SER A 111 -7.70 3.47 -7.91
C SER A 111 -8.85 2.51 -8.15
N TYR A 112 -8.82 1.88 -9.33
CA TYR A 112 -9.81 0.90 -9.73
C TYR A 112 -9.70 -0.38 -8.91
N LEU A 113 -8.48 -0.68 -8.47
CA LEU A 113 -8.20 -1.91 -7.72
C LEU A 113 -9.25 -2.21 -6.64
N LYS A 114 -9.67 -1.19 -5.90
CA LYS A 114 -10.65 -1.37 -4.83
C LYS A 114 -11.84 -2.23 -5.27
N LYS A 115 -12.57 -1.72 -6.25
CA LYS A 115 -13.74 -2.39 -6.80
C LYS A 115 -13.36 -3.73 -7.44
N LEU A 116 -12.21 -3.72 -8.09
CA LEU A 116 -11.69 -4.85 -8.79
C LEU A 116 -11.45 -5.97 -7.82
N LYS A 117 -10.29 -5.94 -7.19
CA LYS A 117 -9.99 -6.95 -6.23
C LYS A 117 -9.33 -6.39 -4.98
N VAL A 118 -10.14 -5.98 -4.03
CA VAL A 118 -9.62 -5.47 -2.77
C VAL A 118 -10.38 -6.04 -1.61
N LYS A 119 -9.86 -7.15 -1.14
CA LYS A 119 -10.36 -7.79 0.04
C LYS A 119 -9.41 -7.36 1.13
N LYS A 120 -9.94 -6.67 2.13
CA LYS A 120 -9.12 -6.11 3.15
C LYS A 120 -8.17 -7.13 3.67
N GLN A 121 -7.03 -7.08 3.06
CA GLN A 121 -5.92 -7.92 3.43
C GLN A 121 -4.97 -7.11 4.32
N ASP A 122 -3.91 -7.74 4.77
CA ASP A 122 -2.95 -7.10 5.65
C ASP A 122 -1.68 -6.70 4.91
N ARG A 123 -0.95 -5.80 5.54
CA ARG A 123 0.31 -5.28 4.99
C ARG A 123 1.52 -5.79 5.78
N ILE A 124 2.72 -5.54 5.24
CA ILE A 124 3.99 -5.95 5.84
C ILE A 124 3.99 -5.89 7.37
N PHE A 125 3.24 -6.78 8.00
CA PHE A 125 3.18 -6.82 9.45
C PHE A 125 3.18 -8.27 9.96
N PRO A 126 4.32 -8.77 10.45
CA PRO A 126 4.43 -10.14 10.95
C PRO A 126 3.53 -10.39 12.14
N LYS A 1 -16.35 -25.04 -2.93
CA LYS A 1 -16.27 -23.77 -3.70
C LYS A 1 -15.24 -22.81 -3.10
N LEU A 2 -14.79 -23.11 -1.88
CA LEU A 2 -13.80 -22.27 -1.22
C LEU A 2 -12.50 -22.31 -2.01
N GLU A 3 -12.29 -23.38 -2.77
CA GLU A 3 -11.10 -23.51 -3.57
C GLU A 3 -11.13 -22.51 -4.72
N LYS A 4 -12.28 -22.43 -5.38
CA LYS A 4 -12.45 -21.50 -6.48
C LYS A 4 -12.22 -20.07 -6.00
N ALA A 5 -12.69 -19.79 -4.79
CA ALA A 5 -12.52 -18.46 -4.21
C ALA A 5 -11.04 -18.10 -4.11
N LEU A 6 -10.26 -19.02 -3.55
CA LEU A 6 -8.83 -18.81 -3.38
C LEU A 6 -8.16 -18.49 -4.71
N LYS A 7 -8.52 -19.21 -5.77
CA LYS A 7 -7.95 -19.00 -7.09
C LYS A 7 -8.34 -17.64 -7.65
N ALA A 8 -9.47 -17.11 -7.22
CA ALA A 8 -9.92 -15.81 -7.71
C ALA A 8 -9.11 -14.69 -7.07
N GLN A 9 -8.78 -14.82 -5.80
CA GLN A 9 -8.00 -13.81 -5.10
C GLN A 9 -6.58 -13.79 -5.63
N ASN A 10 -6.05 -14.98 -5.91
CA ASN A 10 -4.70 -15.11 -6.41
C ASN A 10 -4.56 -14.47 -7.79
N ASP A 11 -5.52 -14.72 -8.66
CA ASP A 11 -5.51 -14.18 -10.02
C ASP A 11 -5.72 -12.68 -10.05
N LEU A 12 -6.44 -12.12 -9.09
CA LEU A 12 -6.65 -10.67 -9.08
C LEU A 12 -5.38 -9.98 -8.67
N ILE A 13 -4.69 -10.56 -7.72
CA ILE A 13 -3.43 -10.04 -7.22
C ILE A 13 -2.37 -10.03 -8.32
N TRP A 14 -2.30 -11.12 -9.09
CA TRP A 14 -1.32 -11.27 -10.16
C TRP A 14 -1.58 -10.32 -11.35
N ASN A 15 -2.85 -10.07 -11.63
CA ASN A 15 -3.21 -9.18 -12.73
C ASN A 15 -2.84 -7.77 -12.37
N ILE A 16 -2.98 -7.46 -11.10
CA ILE A 16 -2.63 -6.17 -10.59
C ILE A 16 -1.13 -5.93 -10.75
N LYS A 17 -0.35 -6.98 -10.46
CA LYS A 17 1.10 -6.92 -10.59
C LYS A 17 1.50 -6.57 -12.01
N ASP A 18 0.92 -7.27 -12.97
CA ASP A 18 1.21 -7.02 -14.38
C ASP A 18 0.96 -5.56 -14.72
N GLU A 19 -0.15 -5.04 -14.23
CA GLU A 19 -0.53 -3.65 -14.47
C GLU A 19 0.58 -2.70 -14.03
N LEU A 20 1.02 -2.84 -12.80
CA LEU A 20 2.09 -1.99 -12.26
C LEU A 20 3.30 -2.02 -13.19
N LYS A 21 3.74 -3.23 -13.53
CA LYS A 21 4.88 -3.41 -14.42
C LYS A 21 4.75 -2.53 -15.65
N LYS A 22 3.53 -2.45 -16.19
CA LYS A 22 3.28 -1.64 -17.39
C LYS A 22 3.48 -0.16 -17.12
N VAL A 23 2.98 0.32 -15.99
CA VAL A 23 3.10 1.73 -15.62
C VAL A 23 4.44 2.03 -14.93
N CYS A 24 5.03 1.00 -14.34
CA CYS A 24 6.30 1.11 -13.65
C CYS A 24 7.15 -0.09 -13.99
N SER A 25 8.37 0.20 -14.36
CA SER A 25 9.33 -0.82 -14.73
C SER A 25 10.25 -1.08 -13.57
N THR A 26 11.24 -1.92 -13.81
CA THR A 26 12.23 -2.24 -12.82
C THR A 26 12.75 -0.95 -12.23
N ASN A 27 12.97 0.02 -13.09
CA ASN A 27 13.46 1.31 -12.67
C ASN A 27 12.40 2.14 -11.93
N ASP A 28 11.18 2.16 -12.46
CA ASP A 28 10.10 2.90 -11.84
C ASP A 28 9.64 2.17 -10.59
N LEU A 29 9.76 0.85 -10.62
CA LEU A 29 9.37 0.05 -9.48
C LEU A 29 10.20 0.48 -8.26
N LYS A 30 11.51 0.53 -8.49
CA LYS A 30 12.46 0.92 -7.50
C LYS A 30 12.20 2.35 -7.05
N GLU A 31 11.71 3.18 -7.96
CA GLU A 31 11.43 4.58 -7.60
C GLU A 31 10.33 4.65 -6.54
N LEU A 32 9.29 3.85 -6.71
CA LEU A 32 8.18 3.83 -5.77
C LEU A 32 8.65 3.39 -4.39
N LEU A 33 9.33 2.27 -4.31
CA LEU A 33 9.77 1.79 -3.00
C LEU A 33 10.74 2.76 -2.31
N ILE A 34 11.53 3.51 -3.08
CA ILE A 34 12.47 4.46 -2.51
C ILE A 34 11.73 5.61 -1.87
N PHE A 35 10.61 6.05 -2.47
CA PHE A 35 9.83 7.12 -1.85
C PHE A 35 9.32 6.56 -0.53
N ASN A 36 9.06 5.26 -0.56
CA ASN A 36 8.62 4.56 0.64
C ASN A 36 9.82 4.22 1.53
N LYS A 37 11.01 4.63 1.10
CA LYS A 37 12.24 4.43 1.85
C LYS A 37 12.73 2.99 1.83
N GLN A 38 12.25 2.16 0.90
CA GLN A 38 12.69 0.76 0.89
C GLN A 38 13.60 0.41 -0.29
N GLN A 39 14.75 -0.20 0.04
CA GLN A 39 15.73 -0.68 -0.94
C GLN A 39 16.11 -2.12 -0.60
N VAL A 40 15.53 -3.09 -1.31
CA VAL A 40 15.79 -4.50 -1.03
C VAL A 40 16.36 -5.29 -2.24
N PRO A 41 17.27 -6.28 -2.00
CA PRO A 41 17.79 -7.13 -3.07
C PRO A 41 16.66 -7.98 -3.61
N SER A 42 15.92 -8.55 -2.65
CA SER A 42 14.70 -9.31 -2.89
C SER A 42 13.58 -8.30 -3.03
N GLY A 43 14.01 -7.13 -3.48
CA GLY A 43 13.24 -5.93 -3.66
C GLY A 43 12.40 -5.90 -4.88
N GLU A 44 12.85 -5.10 -5.80
CA GLU A 44 12.13 -4.79 -7.03
C GLU A 44 11.23 -5.90 -7.54
N SER A 45 11.64 -7.14 -7.48
CA SER A 45 10.70 -8.16 -7.86
C SER A 45 9.65 -8.21 -6.74
N ALA A 46 10.17 -7.92 -5.56
CA ALA A 46 9.33 -7.83 -4.38
C ALA A 46 8.65 -6.49 -4.37
N ILE A 47 9.20 -5.54 -5.08
CA ILE A 47 8.61 -4.23 -5.13
C ILE A 47 7.27 -4.28 -5.85
N LEU A 48 7.19 -4.97 -6.97
CA LEU A 48 5.97 -5.08 -7.71
C LEU A 48 4.96 -5.95 -6.98
N ASP A 49 5.41 -7.04 -6.41
CA ASP A 49 4.48 -7.95 -5.73
C ASP A 49 3.82 -7.37 -4.46
N ARG A 50 4.65 -7.00 -3.51
CA ARG A 50 4.21 -6.45 -2.24
C ARG A 50 3.56 -5.11 -2.41
N VAL A 51 3.90 -4.39 -3.46
CA VAL A 51 3.29 -3.09 -3.67
C VAL A 51 1.84 -3.25 -4.13
N ALA A 52 1.62 -3.98 -5.22
CA ALA A 52 0.25 -4.18 -5.69
C ALA A 52 -0.61 -4.60 -4.51
N ASP A 53 -0.02 -5.43 -3.66
CA ASP A 53 -0.67 -5.89 -2.48
C ASP A 53 -1.10 -4.72 -1.57
N GLY A 54 -0.18 -3.77 -1.35
CA GLY A 54 -0.46 -2.63 -0.50
C GLY A 54 -1.55 -1.73 -1.04
N MET A 55 -1.68 -1.68 -2.36
CA MET A 55 -2.67 -0.83 -2.98
C MET A 55 -4.04 -1.33 -2.71
N VAL A 56 -4.20 -2.63 -2.89
CA VAL A 56 -5.50 -3.20 -2.73
C VAL A 56 -5.97 -3.28 -1.30
N PHE A 57 -5.20 -4.00 -0.54
CA PHE A 57 -5.52 -4.25 0.83
C PHE A 57 -5.21 -3.16 1.84
N GLY A 58 -4.25 -2.28 1.59
CA GLY A 58 -3.88 -1.45 2.73
C GLY A 58 -2.86 -0.35 2.60
N ALA A 59 -3.00 0.53 1.66
CA ALA A 59 -2.05 1.55 1.49
C ALA A 59 -2.48 2.74 2.34
N LEU A 60 -1.55 3.52 2.85
CA LEU A 60 -1.92 4.52 3.86
C LEU A 60 -2.52 5.82 3.34
N LEU A 61 -3.72 6.13 3.89
CA LEU A 61 -4.45 7.36 3.58
C LEU A 61 -4.64 8.19 4.82
N PRO A 62 -5.06 9.46 4.68
CA PRO A 62 -5.27 10.34 5.81
C PRO A 62 -6.01 9.62 6.92
N CYS A 63 -5.90 10.14 8.12
CA CYS A 63 -6.52 9.54 9.29
C CYS A 63 -7.82 10.27 9.58
N GLU A 64 -7.66 11.57 9.66
CA GLU A 64 -8.71 12.52 9.94
C GLU A 64 -9.35 12.18 11.27
N GLU A 65 -8.57 11.49 12.08
CA GLU A 65 -8.92 11.29 13.45
C GLU A 65 -8.42 12.54 14.09
N CYS A 66 -7.22 12.89 13.58
CA CYS A 66 -6.51 14.05 13.98
C CYS A 66 -6.52 15.06 12.87
N SER A 67 -7.24 14.76 11.78
CA SER A 67 -7.19 15.64 10.64
C SER A 67 -5.73 15.78 10.33
N GLY A 68 -5.14 14.61 10.17
CA GLY A 68 -3.77 14.48 9.98
C GLY A 68 -3.50 13.59 8.82
N GLN A 69 -2.26 13.34 8.66
CA GLN A 69 -1.76 12.48 7.63
C GLN A 69 -0.98 11.36 8.28
N LEU A 70 -1.30 10.12 7.92
CA LEU A 70 -0.61 9.01 8.51
C LEU A 70 0.50 8.55 7.60
N VAL A 71 1.72 8.64 8.10
CA VAL A 71 2.85 8.16 7.38
C VAL A 71 3.32 6.94 8.11
N PHE A 72 3.45 5.85 7.42
CA PHE A 72 3.82 4.63 8.06
C PHE A 72 5.08 4.06 7.47
N LYS A 73 5.88 3.56 8.34
CA LYS A 73 7.06 2.86 7.99
C LYS A 73 6.70 1.41 8.23
N SER A 74 7.52 0.53 7.76
CA SER A 74 7.26 -0.88 7.91
C SER A 74 7.41 -1.34 9.34
N ASP A 75 6.34 -1.97 9.76
CA ASP A 75 6.11 -2.56 11.09
C ASP A 75 5.89 -1.50 12.16
N ALA A 76 5.52 -0.29 11.75
CA ALA A 76 5.16 0.75 12.66
C ALA A 76 4.57 1.89 11.86
N TYR A 77 3.29 2.08 11.90
CA TYR A 77 2.68 3.15 11.18
C TYR A 77 2.31 4.21 12.19
N TYR A 78 2.71 5.43 11.95
CA TYR A 78 2.38 6.50 12.86
C TYR A 78 1.60 7.61 12.15
N CYS A 79 0.45 7.96 12.72
CA CYS A 79 -0.39 9.03 12.14
C CYS A 79 -0.29 10.29 12.98
N THR A 80 0.01 11.44 12.39
CA THR A 80 -0.01 12.66 13.18
C THR A 80 -0.94 13.71 12.55
N GLY A 81 -1.93 14.17 13.29
CA GLY A 81 -2.81 15.19 12.78
C GLY A 81 -3.12 16.23 13.83
N ASP A 82 -3.67 17.33 13.38
CA ASP A 82 -4.10 18.39 14.26
C ASP A 82 -5.62 18.37 14.33
N VAL A 83 -6.15 18.33 15.52
CA VAL A 83 -7.59 18.26 15.71
C VAL A 83 -8.11 19.38 16.61
N THR A 84 -7.22 19.95 17.38
CA THR A 84 -7.55 21.03 18.27
C THR A 84 -6.37 21.97 18.40
N ALA A 85 -6.61 23.09 19.03
CA ALA A 85 -5.58 24.10 19.25
C ALA A 85 -4.52 23.60 20.23
N TRP A 86 -4.79 22.48 20.89
CA TRP A 86 -3.86 21.91 21.85
C TRP A 86 -4.09 20.41 21.98
N THR A 87 -4.63 19.80 20.92
CA THR A 87 -4.90 18.37 20.90
C THR A 87 -4.73 17.82 19.50
N LYS A 88 -4.03 16.70 19.41
CA LYS A 88 -3.79 16.03 18.16
C LYS A 88 -4.02 14.54 18.34
N CYS A 89 -4.04 13.83 17.24
CA CYS A 89 -4.21 12.38 17.29
C CYS A 89 -3.01 11.69 16.67
N MET A 90 -2.47 10.75 17.43
CA MET A 90 -1.38 9.95 17.01
C MET A 90 -1.87 8.53 17.10
N VAL A 91 -1.74 7.79 16.03
CA VAL A 91 -2.19 6.43 16.03
C VAL A 91 -1.06 5.52 15.69
N LYS A 92 -0.83 4.56 16.51
CA LYS A 92 0.24 3.62 16.27
C LYS A 92 -0.33 2.29 15.81
N THR A 93 -0.56 2.12 14.49
CA THR A 93 -1.08 0.83 14.04
C THR A 93 -0.08 0.20 13.12
N GLN A 94 0.18 -1.10 13.22
CA GLN A 94 1.18 -1.71 12.33
C GLN A 94 1.00 -1.14 10.95
N THR A 95 -0.05 -1.56 10.29
CA THR A 95 -0.37 -1.06 8.98
C THR A 95 -1.24 0.19 9.12
N PRO A 96 -0.93 1.23 8.34
CA PRO A 96 -1.67 2.49 8.38
C PRO A 96 -3.14 2.30 8.07
N ASN A 97 -3.92 3.36 8.25
CA ASN A 97 -5.35 3.26 7.95
C ASN A 97 -5.45 2.94 6.48
N ARG A 98 -6.01 1.76 6.19
CA ARG A 98 -6.07 1.28 4.84
C ARG A 98 -7.15 1.93 3.98
N LYS A 99 -6.61 2.52 2.96
CA LYS A 99 -7.23 3.20 1.88
C LYS A 99 -6.20 3.17 0.76
N GLU A 100 -6.49 3.82 -0.34
CA GLU A 100 -5.56 3.82 -1.43
C GLU A 100 -4.40 4.75 -1.05
N TRP A 101 -3.20 4.24 -1.23
CA TRP A 101 -1.93 4.91 -0.87
C TRP A 101 -1.36 5.76 -1.95
N VAL A 102 -0.22 6.29 -1.57
CA VAL A 102 0.56 7.19 -2.37
C VAL A 102 1.54 6.39 -3.23
N THR A 103 1.35 6.58 -4.51
CA THR A 103 2.13 5.92 -5.54
C THR A 103 2.60 6.93 -6.60
N PRO A 104 3.85 6.80 -7.09
CA PRO A 104 4.42 7.71 -8.08
C PRO A 104 3.48 8.06 -9.23
N LYS A 105 3.99 8.85 -10.16
CA LYS A 105 3.27 9.33 -11.34
C LYS A 105 2.42 8.25 -12.04
N GLU A 106 3.08 7.23 -12.57
CA GLU A 106 2.39 6.16 -13.29
C GLU A 106 1.79 5.14 -12.33
N PHE A 107 2.25 5.15 -11.09
CA PHE A 107 1.80 4.23 -10.08
C PHE A 107 0.53 4.72 -9.35
N ARG A 108 0.26 6.02 -9.44
CA ARG A 108 -0.89 6.61 -8.76
C ARG A 108 -2.23 6.20 -9.37
N GLU A 109 -2.22 5.75 -10.63
CA GLU A 109 -3.47 5.35 -11.29
C GLU A 109 -4.17 4.24 -10.51
N ILE A 110 -3.46 3.59 -9.62
CA ILE A 110 -4.05 2.51 -8.85
C ILE A 110 -5.00 3.06 -7.80
N SER A 111 -6.03 2.28 -7.55
CA SER A 111 -7.07 2.61 -6.61
C SER A 111 -8.24 1.67 -6.85
N TYR A 112 -8.38 1.28 -8.12
CA TYR A 112 -9.44 0.36 -8.51
C TYR A 112 -9.06 -1.07 -8.14
N LEU A 113 -7.76 -1.37 -8.18
CA LEU A 113 -7.27 -2.70 -7.85
C LEU A 113 -7.87 -3.20 -6.54
N LYS A 114 -7.93 -2.31 -5.55
CA LYS A 114 -8.49 -2.64 -4.25
C LYS A 114 -9.94 -3.11 -4.39
N LYS A 115 -10.79 -2.20 -4.81
CA LYS A 115 -12.21 -2.47 -5.03
C LYS A 115 -12.44 -3.84 -5.64
N LEU A 116 -11.56 -4.22 -6.55
CA LEU A 116 -11.65 -5.48 -7.23
C LEU A 116 -11.56 -6.61 -6.24
N LYS A 117 -10.39 -6.78 -5.67
CA LYS A 117 -10.21 -7.82 -4.71
C LYS A 117 -9.42 -7.38 -3.49
N VAL A 118 -10.12 -6.86 -2.49
CA VAL A 118 -9.48 -6.47 -1.26
C VAL A 118 -9.57 -7.60 -0.28
N LYS A 119 -8.58 -8.43 -0.41
CA LYS A 119 -8.38 -9.54 0.48
C LYS A 119 -7.22 -9.14 1.36
N LYS A 120 -7.44 -9.05 2.65
CA LYS A 120 -6.42 -8.59 3.54
C LYS A 120 -5.16 -9.36 3.27
N GLN A 121 -4.39 -8.73 2.44
CA GLN A 121 -3.11 -9.25 2.03
C GLN A 121 -2.00 -8.66 2.92
N ASP A 122 -0.78 -9.10 2.64
CA ASP A 122 0.39 -8.70 3.41
C ASP A 122 1.08 -7.46 2.85
N ARG A 123 1.53 -6.63 3.77
CA ARG A 123 2.23 -5.38 3.47
C ARG A 123 3.72 -5.50 3.76
N ILE A 124 4.43 -4.39 3.62
CA ILE A 124 5.88 -4.33 3.87
C ILE A 124 6.24 -4.70 5.31
N PHE A 125 5.33 -5.36 6.02
CA PHE A 125 5.59 -5.77 7.39
C PHE A 125 6.09 -7.21 7.46
N PRO A 126 7.38 -7.40 7.79
CA PRO A 126 7.98 -8.75 7.88
C PRO A 126 7.16 -9.68 8.76
N LYS A 1 -16.08 -25.37 -3.33
CA LYS A 1 -15.85 -24.14 -4.13
C LYS A 1 -14.85 -23.20 -3.46
N LEU A 2 -14.33 -23.62 -2.31
CA LEU A 2 -13.35 -22.81 -1.59
C LEU A 2 -12.08 -22.72 -2.40
N GLU A 3 -11.78 -23.78 -3.13
CA GLU A 3 -10.58 -23.82 -3.95
C GLU A 3 -10.68 -22.79 -5.08
N LYS A 4 -11.82 -22.76 -5.74
CA LYS A 4 -12.05 -21.82 -6.83
C LYS A 4 -11.87 -20.39 -6.32
N ALA A 5 -12.34 -20.13 -5.10
CA ALA A 5 -12.22 -18.80 -4.51
C ALA A 5 -10.77 -18.39 -4.39
N LEU A 6 -9.95 -19.29 -3.87
CA LEU A 6 -8.53 -19.04 -3.69
C LEU A 6 -7.86 -18.68 -5.00
N LYS A 7 -8.20 -19.40 -6.07
CA LYS A 7 -7.62 -19.14 -7.39
C LYS A 7 -8.06 -17.80 -7.94
N ALA A 8 -9.23 -17.32 -7.53
CA ALA A 8 -9.71 -16.03 -8.01
C ALA A 8 -8.96 -14.88 -7.36
N GLN A 9 -8.66 -15.01 -6.07
CA GLN A 9 -7.94 -13.97 -5.35
C GLN A 9 -6.51 -13.89 -5.84
N ASN A 10 -5.92 -15.05 -6.11
CA ASN A 10 -4.55 -15.11 -6.58
C ASN A 10 -4.40 -14.47 -7.96
N ASP A 11 -5.35 -14.75 -8.84
CA ASP A 11 -5.32 -14.22 -10.20
C ASP A 11 -5.59 -12.73 -10.26
N LEU A 12 -6.35 -12.18 -9.31
CA LEU A 12 -6.62 -10.76 -9.33
C LEU A 12 -5.37 -10.03 -8.86
N ILE A 13 -4.68 -10.66 -7.92
CA ILE A 13 -3.45 -10.13 -7.37
C ILE A 13 -2.35 -10.01 -8.44
N TRP A 14 -2.19 -11.08 -9.22
CA TRP A 14 -1.18 -11.13 -10.27
C TRP A 14 -1.46 -10.18 -11.44
N ASN A 15 -2.73 -10.01 -11.77
CA ASN A 15 -3.10 -9.12 -12.88
C ASN A 15 -2.84 -7.70 -12.48
N ILE A 16 -3.04 -7.42 -11.20
CA ILE A 16 -2.83 -6.12 -10.65
C ILE A 16 -1.33 -5.76 -10.67
N LYS A 17 -0.48 -6.74 -10.35
CA LYS A 17 0.96 -6.52 -10.35
C LYS A 17 1.45 -6.22 -11.76
N ASP A 18 0.89 -6.89 -12.75
CA ASP A 18 1.28 -6.65 -14.12
C ASP A 18 0.96 -5.22 -14.52
N GLU A 19 -0.26 -4.78 -14.22
CA GLU A 19 -0.67 -3.42 -14.55
C GLU A 19 0.28 -2.38 -13.93
N LEU A 20 0.72 -2.63 -12.71
CA LEU A 20 1.64 -1.73 -12.04
C LEU A 20 2.94 -1.63 -12.82
N LYS A 21 3.45 -2.78 -13.25
CA LYS A 21 4.67 -2.83 -14.04
C LYS A 21 4.54 -1.93 -15.26
N LYS A 22 3.34 -1.88 -15.82
CA LYS A 22 3.07 -1.05 -16.99
C LYS A 22 3.21 0.43 -16.66
N VAL A 23 2.67 0.84 -15.51
CA VAL A 23 2.73 2.24 -15.10
C VAL A 23 4.07 2.57 -14.42
N CYS A 24 4.71 1.55 -13.87
CA CYS A 24 6.00 1.70 -13.22
C CYS A 24 6.88 0.53 -13.60
N SER A 25 8.07 0.85 -14.02
CA SER A 25 9.05 -0.12 -14.44
C SER A 25 10.04 -0.39 -13.34
N THR A 26 11.03 -1.17 -13.67
CA THR A 26 12.10 -1.51 -12.76
C THR A 26 12.60 -0.25 -12.13
N ASN A 27 12.75 0.77 -12.96
CA ASN A 27 13.21 2.05 -12.46
C ASN A 27 12.14 2.80 -11.67
N ASP A 28 10.91 2.83 -12.17
CA ASP A 28 9.83 3.52 -11.48
C ASP A 28 9.36 2.72 -10.29
N LEU A 29 9.43 1.41 -10.37
CA LEU A 29 9.00 0.58 -9.27
C LEU A 29 9.94 0.80 -8.07
N LYS A 30 11.23 0.87 -8.39
CA LYS A 30 12.26 1.10 -7.40
C LYS A 30 12.07 2.47 -6.80
N GLU A 31 11.59 3.43 -7.60
CA GLU A 31 11.37 4.76 -7.08
C GLU A 31 10.29 4.74 -5.99
N LEU A 32 9.25 3.97 -6.24
CA LEU A 32 8.14 3.84 -5.29
C LEU A 32 8.63 3.32 -3.94
N LEU A 33 9.33 2.21 -3.93
CA LEU A 33 9.79 1.67 -2.65
C LEU A 33 10.76 2.64 -1.94
N ILE A 34 11.51 3.39 -2.74
CA ILE A 34 12.47 4.37 -2.24
C ILE A 34 11.77 5.44 -1.42
N PHE A 35 10.62 5.92 -1.89
CA PHE A 35 9.88 6.92 -1.13
C PHE A 35 9.36 6.24 0.12
N ASN A 36 9.09 4.94 -0.03
CA ASN A 36 8.64 4.13 1.09
C ASN A 36 9.84 3.74 1.96
N LYS A 37 11.03 4.19 1.54
CA LYS A 37 12.27 3.96 2.28
C LYS A 37 12.77 2.53 2.19
N GLN A 38 12.30 1.72 1.22
CA GLN A 38 12.77 0.33 1.18
C GLN A 38 13.65 -0.01 -0.02
N GLN A 39 14.83 -0.58 0.27
CA GLN A 39 15.78 -1.05 -0.75
C GLN A 39 16.23 -2.47 -0.43
N VAL A 40 15.65 -3.47 -1.08
CA VAL A 40 15.98 -4.88 -0.82
C VAL A 40 16.47 -5.62 -2.09
N PRO A 41 17.41 -6.59 -1.93
CA PRO A 41 17.90 -7.41 -3.07
C PRO A 41 16.72 -8.18 -3.65
N SER A 42 15.96 -8.77 -2.73
CA SER A 42 14.71 -9.48 -3.00
C SER A 42 13.62 -8.42 -3.19
N GLY A 43 14.11 -7.27 -3.63
CA GLY A 43 13.40 -6.05 -3.82
C GLY A 43 12.58 -5.97 -5.05
N GLU A 44 13.08 -5.18 -5.95
CA GLU A 44 12.40 -4.77 -7.17
C GLU A 44 11.40 -5.78 -7.69
N SER A 45 11.70 -7.04 -7.75
CA SER A 45 10.66 -7.95 -8.14
C SER A 45 9.68 -8.00 -6.99
N ALA A 46 10.24 -7.86 -5.81
CA ALA A 46 9.45 -7.81 -4.60
C ALA A 46 8.89 -6.43 -4.45
N ILE A 47 9.49 -5.46 -5.11
CA ILE A 47 9.01 -4.11 -5.02
C ILE A 47 7.63 -3.99 -5.67
N LEU A 48 7.48 -4.47 -6.90
CA LEU A 48 6.20 -4.41 -7.60
C LEU A 48 5.16 -5.28 -6.92
N ASP A 49 5.57 -6.48 -6.55
CA ASP A 49 4.65 -7.40 -5.91
C ASP A 49 3.97 -6.76 -4.68
N ARG A 50 4.83 -6.32 -3.77
CA ARG A 50 4.43 -5.69 -2.55
C ARG A 50 3.64 -4.43 -2.78
N VAL A 51 3.83 -3.74 -3.90
CA VAL A 51 3.05 -2.52 -4.13
C VAL A 51 1.60 -2.87 -4.39
N ALA A 52 1.36 -3.69 -5.41
CA ALA A 52 -0.02 -4.08 -5.73
C ALA A 52 -0.73 -4.53 -4.46
N ASP A 53 0.05 -5.22 -3.64
CA ASP A 53 -0.42 -5.75 -2.37
C ASP A 53 -0.90 -4.65 -1.40
N GLY A 54 -0.11 -3.59 -1.23
CA GLY A 54 -0.46 -2.52 -0.32
C GLY A 54 -1.61 -1.66 -0.78
N MET A 55 -1.76 -1.51 -2.08
CA MET A 55 -2.82 -0.69 -2.60
C MET A 55 -4.14 -1.33 -2.33
N VAL A 56 -4.22 -2.62 -2.61
CA VAL A 56 -5.46 -3.30 -2.43
C VAL A 56 -5.84 -3.51 -0.98
N PHE A 57 -4.97 -4.22 -0.31
CA PHE A 57 -5.16 -4.57 1.07
C PHE A 57 -4.85 -3.52 2.12
N GLY A 58 -3.93 -2.59 1.83
CA GLY A 58 -3.49 -1.79 2.97
C GLY A 58 -2.56 -0.61 2.78
N ALA A 59 -2.84 0.28 1.89
CA ALA A 59 -1.99 1.36 1.66
C ALA A 59 -2.44 2.50 2.57
N LEU A 60 -1.53 3.32 3.05
CA LEU A 60 -1.90 4.29 4.10
C LEU A 60 -2.58 5.57 3.62
N LEU A 61 -3.82 5.77 4.10
CA LEU A 61 -4.57 6.99 3.80
C LEU A 61 -4.90 7.73 5.09
N PRO A 62 -5.38 9.00 5.01
CA PRO A 62 -5.67 9.80 6.20
C PRO A 62 -6.44 9.01 7.24
N CYS A 63 -6.22 9.41 8.48
CA CYS A 63 -6.83 8.76 9.65
C CYS A 63 -8.08 9.55 10.04
N GLU A 64 -7.92 10.84 9.95
CA GLU A 64 -8.91 11.85 10.26
C GLU A 64 -9.38 11.69 11.68
N GLU A 65 -8.51 11.12 12.50
CA GLU A 65 -8.70 11.11 13.90
C GLU A 65 -8.15 12.45 14.30
N CYS A 66 -7.02 12.73 13.60
CA CYS A 66 -6.29 13.92 13.75
C CYS A 66 -6.45 14.77 12.52
N SER A 67 -7.32 14.35 11.60
CA SER A 67 -7.44 15.06 10.36
C SER A 67 -6.03 15.14 9.85
N GLY A 68 -5.43 13.95 9.76
CA GLY A 68 -4.09 13.81 9.41
C GLY A 68 -3.90 12.87 8.27
N GLN A 69 -2.67 12.65 8.03
CA GLN A 69 -2.20 11.76 6.98
C GLN A 69 -1.35 10.67 7.61
N LEU A 70 -1.54 9.44 7.16
CA LEU A 70 -0.80 8.33 7.70
C LEU A 70 0.43 8.05 6.87
N VAL A 71 1.58 8.17 7.51
CA VAL A 71 2.81 7.83 6.87
C VAL A 71 3.38 6.74 7.72
N PHE A 72 3.69 5.63 7.14
CA PHE A 72 4.15 4.53 7.87
C PHE A 72 5.42 4.02 7.26
N LYS A 73 5.97 3.15 8.00
CA LYS A 73 7.13 2.43 7.65
C LYS A 73 6.87 1.00 8.09
N SER A 74 7.70 0.12 7.70
CA SER A 74 7.51 -1.27 8.05
C SER A 74 7.77 -1.50 9.53
N ASP A 75 6.74 -2.07 10.10
CA ASP A 75 6.59 -2.46 11.51
C ASP A 75 6.40 -1.27 12.44
N ALA A 76 5.97 -0.14 11.91
CA ALA A 76 5.62 1.00 12.71
C ALA A 76 4.96 2.01 11.81
N TYR A 77 3.68 2.18 11.90
CA TYR A 77 3.00 3.13 11.08
C TYR A 77 2.60 4.26 12.00
N TYR A 78 2.92 5.47 11.64
CA TYR A 78 2.57 6.59 12.46
C TYR A 78 1.70 7.58 11.69
N CYS A 79 0.55 7.93 12.26
CA CYS A 79 -0.37 8.89 11.65
C CYS A 79 -0.24 10.23 12.35
N THR A 80 -0.02 11.32 11.64
CA THR A 80 0.01 12.61 12.31
C THR A 80 -1.00 13.56 11.67
N GLY A 81 -1.92 14.09 12.47
CA GLY A 81 -2.87 15.03 11.95
C GLY A 81 -3.10 16.16 12.92
N ASP A 82 -3.75 17.19 12.43
CA ASP A 82 -4.11 18.33 13.23
C ASP A 82 -5.59 18.24 13.53
N VAL A 83 -5.94 18.32 14.79
CA VAL A 83 -7.34 18.22 15.20
C VAL A 83 -7.77 19.40 16.06
N THR A 84 -6.81 20.10 16.62
CA THR A 84 -7.05 21.25 17.43
C THR A 84 -5.91 22.24 17.27
N ALA A 85 -6.11 23.41 17.82
CA ALA A 85 -5.11 24.47 17.76
C ALA A 85 -3.91 24.15 18.64
N TRP A 86 -4.02 23.09 19.43
CA TRP A 86 -2.95 22.65 20.32
C TRP A 86 -3.08 21.17 20.63
N THR A 87 -3.74 20.45 19.72
CA THR A 87 -3.95 19.01 19.89
C THR A 87 -3.95 18.30 18.55
N LYS A 88 -3.23 17.20 18.49
CA LYS A 88 -3.14 16.41 17.29
C LYS A 88 -3.30 14.94 17.65
N CYS A 89 -3.44 14.11 16.64
CA CYS A 89 -3.55 12.67 16.87
C CYS A 89 -2.43 11.94 16.18
N MET A 90 -1.77 11.10 16.97
CA MET A 90 -0.72 10.27 16.47
C MET A 90 -1.14 8.87 16.79
N VAL A 91 -1.16 8.01 15.80
CA VAL A 91 -1.55 6.65 16.03
C VAL A 91 -0.44 5.74 15.63
N LYS A 92 -0.06 4.90 16.52
CA LYS A 92 1.01 3.96 16.24
C LYS A 92 0.43 2.59 15.97
N THR A 93 0.04 2.29 14.72
CA THR A 93 -0.49 0.95 14.46
C THR A 93 0.46 0.23 13.54
N GLN A 94 0.72 -1.05 13.73
CA GLN A 94 1.65 -1.75 12.85
C GLN A 94 1.41 -1.26 11.43
N THR A 95 0.32 -1.73 10.89
CA THR A 95 -0.11 -1.34 9.56
C THR A 95 -1.01 -0.12 9.66
N PRO A 96 -0.80 0.86 8.78
CA PRO A 96 -1.58 2.11 8.77
C PRO A 96 -3.04 1.86 8.42
N ASN A 97 -3.84 2.90 8.56
CA ASN A 97 -5.25 2.77 8.24
C ASN A 97 -5.34 2.48 6.75
N ARG A 98 -5.87 1.30 6.45
CA ARG A 98 -5.93 0.85 5.08
C ARG A 98 -7.03 1.51 4.27
N LYS A 99 -6.52 2.13 3.27
CA LYS A 99 -7.17 2.85 2.23
C LYS A 99 -6.15 2.84 1.10
N GLU A 100 -6.42 3.50 0.00
CA GLU A 100 -5.49 3.51 -1.09
C GLU A 100 -4.33 4.44 -0.70
N TRP A 101 -3.13 3.96 -0.91
CA TRP A 101 -1.87 4.66 -0.57
C TRP A 101 -1.33 5.51 -1.66
N VAL A 102 -0.21 6.06 -1.29
CA VAL A 102 0.54 6.99 -2.10
C VAL A 102 1.52 6.24 -2.97
N THR A 103 1.30 6.45 -4.25
CA THR A 103 2.05 5.81 -5.32
C THR A 103 2.52 6.85 -6.35
N PRO A 104 3.76 6.69 -6.87
CA PRO A 104 4.36 7.62 -7.84
C PRO A 104 3.41 8.16 -8.91
N LYS A 105 3.97 8.99 -9.78
CA LYS A 105 3.23 9.63 -10.87
C LYS A 105 2.27 8.68 -11.59
N GLU A 106 2.82 7.67 -12.26
CA GLU A 106 1.99 6.71 -12.98
C GLU A 106 1.40 5.69 -12.03
N PHE A 107 2.09 5.45 -10.93
CA PHE A 107 1.65 4.51 -9.92
C PHE A 107 0.39 5.01 -9.21
N ARG A 108 0.15 6.32 -9.28
CA ARG A 108 -1.00 6.93 -8.62
C ARG A 108 -2.33 6.46 -9.22
N GLU A 109 -2.31 6.06 -10.48
CA GLU A 109 -3.53 5.61 -11.15
C GLU A 109 -4.23 4.50 -10.37
N ILE A 110 -3.50 3.85 -9.47
CA ILE A 110 -4.07 2.78 -8.70
C ILE A 110 -5.03 3.28 -7.65
N SER A 111 -6.01 2.46 -7.37
CA SER A 111 -7.07 2.74 -6.41
C SER A 111 -8.22 1.80 -6.69
N TYR A 112 -8.35 1.43 -7.96
CA TYR A 112 -9.39 0.50 -8.39
C TYR A 112 -9.00 -0.95 -8.06
N LEU A 113 -7.70 -1.21 -8.09
CA LEU A 113 -7.17 -2.54 -7.83
C LEU A 113 -7.83 -3.18 -6.60
N LYS A 114 -8.00 -2.40 -5.54
CA LYS A 114 -8.62 -2.92 -4.32
C LYS A 114 -10.02 -3.42 -4.60
N LYS A 115 -10.89 -2.51 -5.01
CA LYS A 115 -12.28 -2.82 -5.33
C LYS A 115 -12.42 -4.12 -6.12
N LEU A 116 -11.47 -4.36 -7.03
CA LEU A 116 -11.46 -5.55 -7.84
C LEU A 116 -11.34 -6.74 -6.94
N LYS A 117 -10.16 -6.89 -6.38
CA LYS A 117 -9.92 -7.96 -5.47
C LYS A 117 -9.16 -7.47 -4.25
N VAL A 118 -9.91 -7.07 -3.25
CA VAL A 118 -9.32 -6.59 -2.02
C VAL A 118 -9.79 -7.39 -0.84
N LYS A 119 -9.04 -8.43 -0.61
CA LYS A 119 -9.22 -9.29 0.53
C LYS A 119 -8.19 -8.82 1.52
N LYS A 120 -8.62 -8.39 2.69
CA LYS A 120 -7.72 -7.83 3.64
C LYS A 120 -6.53 -8.70 3.83
N GLN A 121 -5.56 -8.32 3.06
CA GLN A 121 -4.26 -8.95 3.05
C GLN A 121 -3.30 -8.11 3.90
N ASP A 122 -2.07 -8.57 4.01
CA ASP A 122 -1.06 -7.88 4.82
C ASP A 122 0.09 -7.35 3.98
N ARG A 123 0.65 -6.25 4.47
CA ARG A 123 1.79 -5.56 3.84
C ARG A 123 3.12 -6.06 4.38
N ILE A 124 4.20 -5.41 3.92
CA ILE A 124 5.57 -5.74 4.32
C ILE A 124 5.64 -6.43 5.69
N PHE A 125 4.78 -6.01 6.61
CA PHE A 125 4.75 -6.59 7.95
C PHE A 125 3.32 -6.87 8.40
N PRO A 126 3.01 -8.10 8.83
CA PRO A 126 1.67 -8.47 9.28
C PRO A 126 1.14 -7.53 10.35
N LYS A 1 -14.88 -25.70 -2.46
CA LYS A 1 -15.10 -24.29 -2.90
C LYS A 1 -14.05 -23.36 -2.30
N LEU A 2 -13.47 -23.77 -1.17
CA LEU A 2 -12.45 -22.96 -0.52
C LEU A 2 -11.24 -22.88 -1.41
N GLU A 3 -11.00 -23.95 -2.16
CA GLU A 3 -9.86 -23.99 -3.07
C GLU A 3 -10.03 -22.96 -4.18
N LYS A 4 -11.24 -22.90 -4.74
CA LYS A 4 -11.53 -21.96 -5.81
C LYS A 4 -11.30 -20.53 -5.33
N ALA A 5 -11.67 -20.27 -4.08
CA ALA A 5 -11.49 -18.94 -3.50
C ALA A 5 -10.02 -18.55 -3.48
N LEU A 6 -9.18 -19.45 -3.00
CA LEU A 6 -7.75 -19.22 -2.93
C LEU A 6 -7.18 -18.87 -4.31
N LYS A 7 -7.60 -19.59 -5.34
CA LYS A 7 -7.11 -19.33 -6.69
C LYS A 7 -7.59 -17.99 -7.20
N ALA A 8 -8.70 -17.50 -6.71
CA ALA A 8 -9.21 -16.21 -7.14
C ALA A 8 -8.39 -15.06 -6.56
N GLN A 9 -8.00 -15.18 -5.30
CA GLN A 9 -7.21 -14.15 -4.65
C GLN A 9 -5.82 -14.08 -5.26
N ASN A 10 -5.26 -15.25 -5.53
CA ASN A 10 -3.93 -15.34 -6.10
C ASN A 10 -3.89 -14.72 -7.50
N ASP A 11 -4.92 -14.98 -8.29
CA ASP A 11 -5.00 -14.47 -9.65
C ASP A 11 -5.23 -12.97 -9.72
N LEU A 12 -5.92 -12.40 -8.74
CA LEU A 12 -6.15 -10.96 -8.76
C LEU A 12 -4.86 -10.25 -8.42
N ILE A 13 -4.14 -10.83 -7.49
CA ILE A 13 -2.87 -10.31 -7.05
C ILE A 13 -1.84 -10.26 -8.19
N TRP A 14 -1.71 -11.36 -8.91
CA TRP A 14 -0.76 -11.48 -10.00
C TRP A 14 -1.11 -10.62 -11.21
N ASN A 15 -2.40 -10.41 -11.47
CA ASN A 15 -2.82 -9.60 -12.61
C ASN A 15 -2.54 -8.14 -12.32
N ILE A 16 -2.68 -7.77 -11.07
CA ILE A 16 -2.44 -6.42 -10.63
C ILE A 16 -0.95 -6.11 -10.70
N LYS A 17 -0.11 -7.09 -10.39
CA LYS A 17 1.34 -6.94 -10.44
C LYS A 17 1.81 -6.71 -11.86
N ASP A 18 1.26 -7.48 -12.79
CA ASP A 18 1.63 -7.35 -14.19
C ASP A 18 1.30 -5.94 -14.68
N GLU A 19 0.12 -5.45 -14.32
CA GLU A 19 -0.30 -4.11 -14.71
C GLU A 19 0.72 -3.06 -14.27
N LEU A 20 1.06 -3.08 -13.00
CA LEU A 20 2.04 -2.14 -12.46
C LEU A 20 3.31 -2.16 -13.30
N LYS A 21 3.77 -3.36 -13.62
CA LYS A 21 4.97 -3.55 -14.42
C LYS A 21 4.89 -2.75 -15.71
N LYS A 22 3.75 -2.83 -16.40
CA LYS A 22 3.58 -2.09 -17.64
C LYS A 22 3.69 -0.59 -17.39
N VAL A 23 3.26 -0.16 -16.21
CA VAL A 23 3.31 1.26 -15.84
C VAL A 23 4.62 1.61 -15.12
N CYS A 24 5.26 0.61 -14.55
CA CYS A 24 6.51 0.78 -13.83
C CYS A 24 7.47 -0.35 -14.16
N SER A 25 8.67 0.03 -14.49
CA SER A 25 9.70 -0.91 -14.83
C SER A 25 10.60 -1.11 -13.63
N THR A 26 11.66 -1.85 -13.82
CA THR A 26 12.60 -2.12 -12.78
C THR A 26 12.99 -0.82 -12.12
N ASN A 27 13.19 0.20 -12.96
CA ASN A 27 13.56 1.50 -12.47
C ASN A 27 12.41 2.23 -11.79
N ASP A 28 11.24 2.23 -12.41
CA ASP A 28 10.08 2.88 -11.85
C ASP A 28 9.58 2.09 -10.66
N LEU A 29 9.77 0.78 -10.70
CA LEU A 29 9.37 -0.07 -9.61
C LEU A 29 10.08 0.38 -8.34
N LYS A 30 11.41 0.50 -8.47
CA LYS A 30 12.25 0.94 -7.40
C LYS A 30 11.82 2.32 -6.95
N GLU A 31 11.30 3.12 -7.87
CA GLU A 31 10.85 4.46 -7.51
C GLU A 31 9.72 4.41 -6.50
N LEU A 32 8.67 3.67 -6.81
CA LEU A 32 7.53 3.56 -5.90
C LEU A 32 7.95 3.09 -4.52
N LEU A 33 8.78 2.07 -4.44
CA LEU A 33 9.20 1.59 -3.12
C LEU A 33 9.94 2.68 -2.33
N ILE A 34 10.79 3.45 -3.01
CA ILE A 34 11.51 4.54 -2.36
C ILE A 34 10.49 5.51 -1.77
N PHE A 35 9.34 5.60 -2.44
CA PHE A 35 8.24 6.41 -1.97
C PHE A 35 7.87 5.87 -0.60
N ASN A 36 7.87 4.55 -0.52
CA ASN A 36 7.59 3.85 0.71
C ASN A 36 8.84 3.84 1.59
N LYS A 37 9.95 4.32 1.03
CA LYS A 37 11.22 4.41 1.75
C LYS A 37 11.94 3.06 1.83
N GLN A 38 11.57 2.10 0.99
CA GLN A 38 12.23 0.78 1.08
C GLN A 38 13.08 0.41 -0.14
N GLN A 39 14.34 0.02 0.12
CA GLN A 39 15.26 -0.43 -0.92
C GLN A 39 15.89 -1.77 -0.51
N VAL A 40 15.37 -2.86 -1.06
CA VAL A 40 15.86 -4.20 -0.72
C VAL A 40 16.37 -5.00 -1.94
N PRO A 41 17.41 -5.86 -1.76
CA PRO A 41 17.92 -6.71 -2.85
C PRO A 41 16.78 -7.56 -3.38
N SER A 42 16.05 -8.14 -2.44
CA SER A 42 14.83 -8.93 -2.68
C SER A 42 13.71 -7.94 -2.96
N GLY A 43 14.13 -6.81 -3.49
CA GLY A 43 13.36 -5.64 -3.78
C GLY A 43 12.54 -5.73 -5.01
N GLU A 44 12.98 -5.00 -5.99
CA GLU A 44 12.28 -4.76 -7.24
C GLU A 44 11.37 -5.88 -7.66
N SER A 45 11.75 -7.12 -7.55
CA SER A 45 10.79 -8.14 -7.86
C SER A 45 9.78 -8.12 -6.72
N ALA A 46 10.31 -7.79 -5.56
CA ALA A 46 9.50 -7.64 -4.38
C ALA A 46 8.85 -6.28 -4.38
N ILE A 47 9.41 -5.36 -5.13
CA ILE A 47 8.85 -4.04 -5.20
C ILE A 47 7.50 -4.07 -5.91
N LEU A 48 7.39 -4.79 -7.02
CA LEU A 48 6.14 -4.88 -7.75
C LEU A 48 5.12 -5.72 -7.00
N ASP A 49 5.58 -6.82 -6.42
CA ASP A 49 4.67 -7.70 -5.70
C ASP A 49 3.99 -7.04 -4.48
N ARG A 50 4.82 -6.59 -3.57
CA ARG A 50 4.40 -5.96 -2.34
C ARG A 50 3.71 -4.64 -2.58
N VAL A 51 4.01 -3.96 -3.68
CA VAL A 51 3.36 -2.71 -3.94
C VAL A 51 1.91 -2.94 -4.32
N ALA A 52 1.67 -3.75 -5.35
CA ALA A 52 0.30 -4.04 -5.75
C ALA A 52 -0.52 -4.43 -4.51
N ASP A 53 0.15 -5.19 -3.65
CA ASP A 53 -0.43 -5.66 -2.42
C ASP A 53 -0.95 -4.52 -1.52
N GLY A 54 -0.10 -3.52 -1.27
CA GLY A 54 -0.46 -2.40 -0.44
C GLY A 54 -1.52 -1.50 -1.04
N MET A 55 -1.58 -1.47 -2.36
CA MET A 55 -2.52 -0.62 -3.04
C MET A 55 -3.90 -1.11 -2.78
N VAL A 56 -4.09 -2.40 -2.99
CA VAL A 56 -5.41 -2.90 -2.81
C VAL A 56 -5.80 -2.97 -1.35
N PHE A 57 -5.07 -3.78 -0.65
CA PHE A 57 -5.27 -4.01 0.75
C PHE A 57 -4.65 -3.02 1.74
N GLY A 58 -3.55 -2.35 1.38
CA GLY A 58 -2.81 -1.67 2.46
C GLY A 58 -2.12 -0.35 2.30
N ALA A 59 -2.72 0.62 1.70
CA ALA A 59 -2.09 1.88 1.56
C ALA A 59 -2.51 2.81 2.70
N LEU A 60 -1.62 3.67 3.16
CA LEU A 60 -1.94 4.52 4.32
C LEU A 60 -2.70 5.82 3.99
N LEU A 61 -3.90 5.97 4.55
CA LEU A 61 -4.70 7.17 4.33
C LEU A 61 -4.99 7.93 5.61
N PRO A 62 -5.45 9.19 5.48
CA PRO A 62 -5.77 10.02 6.64
C PRO A 62 -6.60 9.27 7.67
N CYS A 63 -6.39 9.61 8.92
CA CYS A 63 -7.09 8.97 10.03
C CYS A 63 -8.35 9.77 10.35
N GLU A 64 -8.15 11.06 10.32
CA GLU A 64 -9.15 12.07 10.58
C GLU A 64 -9.73 11.88 11.97
N GLU A 65 -8.93 11.29 12.83
CA GLU A 65 -9.23 11.24 14.21
C GLU A 65 -8.75 12.57 14.69
N CYS A 66 -7.61 12.92 14.07
CA CYS A 66 -6.90 14.11 14.33
C CYS A 66 -6.86 14.96 13.10
N SER A 67 -7.57 14.54 12.05
CA SER A 67 -7.46 15.23 10.80
C SER A 67 -6.00 15.23 10.45
N GLY A 68 -5.47 14.02 10.41
CA GLY A 68 -4.12 13.79 10.16
C GLY A 68 -3.95 12.93 8.95
N GLN A 69 -2.74 12.60 8.76
CA GLN A 69 -2.29 11.77 7.67
C GLN A 69 -1.47 10.62 8.23
N LEU A 70 -1.74 9.41 7.75
CA LEU A 70 -1.05 8.26 8.21
C LEU A 70 0.21 8.03 7.39
N VAL A 71 1.35 8.06 8.06
CA VAL A 71 2.59 7.77 7.42
C VAL A 71 3.13 6.60 8.19
N PHE A 72 3.44 5.54 7.53
CA PHE A 72 3.89 4.38 8.19
C PHE A 72 5.11 3.87 7.51
N LYS A 73 5.66 2.93 8.18
CA LYS A 73 6.79 2.20 7.75
C LYS A 73 6.49 0.76 8.11
N SER A 74 7.28 -0.13 7.63
CA SER A 74 7.06 -1.52 7.90
C SER A 74 7.37 -1.84 9.35
N ASP A 75 6.36 -2.43 9.93
CA ASP A 75 6.24 -2.90 11.32
C ASP A 75 6.07 -1.77 12.33
N ALA A 76 5.64 -0.60 11.87
CA ALA A 76 5.29 0.49 12.75
C ALA A 76 4.65 1.57 11.93
N TYR A 77 3.36 1.77 12.03
CA TYR A 77 2.73 2.81 11.29
C TYR A 77 2.37 3.89 12.29
N TYR A 78 2.76 5.09 12.01
CA TYR A 78 2.46 6.18 12.89
C TYR A 78 1.64 7.26 12.19
N CYS A 79 0.52 7.63 12.79
CA CYS A 79 -0.35 8.67 12.22
C CYS A 79 -0.13 9.98 12.93
N THR A 80 0.13 11.06 12.22
CA THR A 80 0.20 12.35 12.91
C THR A 80 -0.77 13.33 12.27
N GLY A 81 -1.69 13.89 13.04
CA GLY A 81 -2.60 14.87 12.51
C GLY A 81 -2.80 15.99 13.48
N ASP A 82 -3.46 17.04 13.02
CA ASP A 82 -3.75 18.19 13.85
C ASP A 82 -5.25 18.30 14.04
N VAL A 83 -5.66 18.41 15.30
CA VAL A 83 -7.08 18.52 15.64
C VAL A 83 -7.36 19.72 16.53
N THR A 84 -6.30 20.27 17.10
CA THR A 84 -6.39 21.42 17.96
C THR A 84 -5.14 22.26 17.80
N ALA A 85 -5.18 23.43 18.38
CA ALA A 85 -4.06 24.36 18.34
C ALA A 85 -2.87 23.84 19.14
N TRP A 86 -3.08 22.77 19.90
CA TRP A 86 -2.01 22.19 20.71
C TRP A 86 -2.29 20.71 20.98
N THR A 87 -3.06 20.09 20.10
CA THR A 87 -3.40 18.69 20.25
C THR A 87 -3.37 17.97 18.91
N LYS A 88 -2.66 16.86 18.87
CA LYS A 88 -2.54 16.05 17.68
C LYS A 88 -2.70 14.58 18.06
N CYS A 89 -2.82 13.74 17.07
CA CYS A 89 -2.94 12.31 17.29
C CYS A 89 -1.81 11.56 16.63
N MET A 90 -1.25 10.66 17.42
CA MET A 90 -0.26 9.76 16.94
C MET A 90 -0.86 8.40 17.22
N VAL A 91 -0.97 7.59 16.20
CA VAL A 91 -1.53 6.27 16.40
C VAL A 91 -0.54 5.24 15.94
N LYS A 92 -0.27 4.31 16.78
CA LYS A 92 0.69 3.28 16.44
C LYS A 92 -0.01 2.00 16.02
N THR A 93 -0.37 1.85 14.74
CA THR A 93 -0.99 0.59 14.34
C THR A 93 -0.01 -0.10 13.44
N GLN A 94 0.20 -1.40 13.58
CA GLN A 94 1.17 -2.07 12.72
C GLN A 94 1.04 -1.52 11.32
N THR A 95 0.03 -1.98 10.63
CA THR A 95 -0.27 -1.52 9.30
C THR A 95 -1.22 -0.32 9.42
N PRO A 96 -0.96 0.73 8.66
CA PRO A 96 -1.78 1.95 8.70
C PRO A 96 -3.20 1.70 8.29
N ASN A 97 -4.05 2.70 8.47
CA ASN A 97 -5.44 2.55 8.08
C ASN A 97 -5.45 2.37 6.58
N ARG A 98 -5.94 1.21 6.15
CA ARG A 98 -5.90 0.87 4.74
C ARG A 98 -7.05 1.44 3.92
N LYS A 99 -6.56 2.15 2.94
CA LYS A 99 -7.25 2.84 1.89
C LYS A 99 -6.24 2.89 0.75
N GLU A 100 -6.57 3.53 -0.36
CA GLU A 100 -5.63 3.60 -1.46
C GLU A 100 -4.55 4.64 -1.09
N TRP A 101 -3.31 4.21 -1.23
CA TRP A 101 -2.10 4.98 -0.84
C TRP A 101 -1.55 5.88 -1.88
N VAL A 102 -0.49 6.49 -1.42
CA VAL A 102 0.28 7.46 -2.14
C VAL A 102 1.39 6.79 -2.94
N THR A 103 1.24 6.98 -4.23
CA THR A 103 2.12 6.44 -5.26
C THR A 103 2.50 7.53 -6.27
N PRO A 104 3.75 7.53 -6.78
CA PRO A 104 4.23 8.54 -7.74
C PRO A 104 3.14 9.04 -8.70
N LYS A 105 3.42 10.16 -9.37
CA LYS A 105 2.48 10.76 -10.30
C LYS A 105 1.99 9.77 -11.36
N GLU A 106 2.91 9.28 -12.19
CA GLU A 106 2.55 8.33 -13.25
C GLU A 106 1.64 7.22 -12.74
N PHE A 107 1.86 6.81 -11.49
CA PHE A 107 1.08 5.76 -10.86
C PHE A 107 -0.41 6.11 -10.79
N ARG A 108 -0.73 7.40 -10.98
CA ARG A 108 -2.12 7.88 -10.89
C ARG A 108 -3.14 6.91 -11.48
N GLU A 109 -2.73 6.10 -12.45
CA GLU A 109 -3.66 5.15 -13.07
C GLU A 109 -4.22 4.18 -12.05
N ILE A 110 -3.61 4.09 -10.86
CA ILE A 110 -4.09 3.17 -9.84
C ILE A 110 -5.37 3.68 -9.21
N SER A 111 -5.77 3.05 -8.10
CA SER A 111 -6.98 3.38 -7.38
C SER A 111 -8.11 2.44 -7.80
N TYR A 112 -8.04 1.96 -9.04
CA TYR A 112 -9.05 1.03 -9.53
C TYR A 112 -8.72 -0.39 -9.09
N LEU A 113 -7.43 -0.72 -9.11
CA LEU A 113 -6.97 -2.05 -8.72
C LEU A 113 -7.64 -2.54 -7.44
N LYS A 114 -7.68 -1.68 -6.43
CA LYS A 114 -8.29 -2.02 -5.16
C LYS A 114 -9.76 -2.38 -5.34
N LYS A 115 -10.54 -1.40 -5.77
CA LYS A 115 -11.97 -1.54 -6.00
C LYS A 115 -12.32 -2.87 -6.65
N LEU A 116 -11.46 -3.34 -7.54
CA LEU A 116 -11.67 -4.59 -8.24
C LEU A 116 -11.77 -5.68 -7.24
N LYS A 117 -10.66 -6.00 -6.63
CA LYS A 117 -10.64 -7.02 -5.63
C LYS A 117 -9.83 -6.62 -4.40
N VAL A 118 -10.52 -6.04 -3.45
CA VAL A 118 -9.91 -5.63 -2.21
C VAL A 118 -10.36 -6.53 -1.10
N LYS A 119 -9.61 -7.59 -0.97
CA LYS A 119 -9.80 -8.54 0.09
C LYS A 119 -8.74 -8.18 1.11
N LYS A 120 -9.16 -7.84 2.31
CA LYS A 120 -8.26 -7.38 3.31
C LYS A 120 -7.11 -8.31 3.44
N GLN A 121 -6.11 -7.94 2.70
CA GLN A 121 -4.85 -8.65 2.68
C GLN A 121 -3.87 -7.97 3.64
N ASP A 122 -2.68 -8.51 3.75
CA ASP A 122 -1.67 -7.99 4.66
C ASP A 122 -0.47 -7.37 3.95
N ARG A 123 -0.06 -6.22 4.47
CA ARG A 123 1.07 -5.42 3.96
C ARG A 123 2.40 -6.07 4.30
N ILE A 124 3.49 -5.37 3.95
CA ILE A 124 4.85 -5.83 4.21
C ILE A 124 4.94 -6.56 5.55
N PHE A 125 4.07 -6.20 6.49
CA PHE A 125 4.05 -6.81 7.80
C PHE A 125 2.62 -7.06 8.26
N PRO A 126 2.35 -8.24 8.85
CA PRO A 126 1.02 -8.59 9.33
C PRO A 126 0.64 -7.84 10.61
N LYS A 1 -15.33 -26.06 -2.25
CA LYS A 1 -14.81 -25.08 -3.24
C LYS A 1 -13.82 -24.11 -2.58
N LEU A 2 -13.23 -24.53 -1.47
CA LEU A 2 -12.25 -23.72 -0.77
C LEU A 2 -11.02 -23.54 -1.63
N GLU A 3 -10.71 -24.56 -2.42
CA GLU A 3 -9.57 -24.52 -3.29
C GLU A 3 -9.74 -23.45 -4.36
N LYS A 4 -10.90 -23.44 -5.00
CA LYS A 4 -11.20 -22.46 -6.03
C LYS A 4 -11.10 -21.04 -5.47
N ALA A 5 -11.54 -20.88 -4.23
CA ALA A 5 -11.51 -19.58 -3.58
C ALA A 5 -10.07 -19.06 -3.48
N LEU A 6 -9.18 -19.91 -3.02
CA LEU A 6 -7.77 -19.55 -2.87
C LEU A 6 -7.17 -19.13 -4.20
N LYS A 7 -7.47 -19.88 -5.26
CA LYS A 7 -6.94 -19.55 -6.59
C LYS A 7 -7.47 -18.23 -7.09
N ALA A 8 -8.64 -17.82 -6.63
CA ALA A 8 -9.22 -16.57 -7.05
C ALA A 8 -8.50 -15.39 -6.41
N GLN A 9 -8.26 -15.47 -5.11
CA GLN A 9 -7.58 -14.41 -4.38
C GLN A 9 -6.19 -14.22 -4.94
N ASN A 10 -5.55 -15.33 -5.26
CA ASN A 10 -4.22 -15.29 -5.81
C ASN A 10 -4.21 -14.53 -7.12
N ASP A 11 -5.08 -14.92 -8.02
CA ASP A 11 -5.20 -14.28 -9.32
C ASP A 11 -5.43 -12.78 -9.20
N LEU A 12 -6.05 -12.33 -8.12
CA LEU A 12 -6.28 -10.90 -7.96
C LEU A 12 -4.98 -10.22 -7.61
N ILE A 13 -4.20 -10.90 -6.81
CA ILE A 13 -2.91 -10.40 -6.39
C ILE A 13 -1.93 -10.21 -7.57
N TRP A 14 -1.81 -11.23 -8.41
CA TRP A 14 -0.90 -11.20 -9.56
C TRP A 14 -1.37 -10.22 -10.63
N ASN A 15 -2.67 -10.03 -10.71
CA ASN A 15 -3.22 -9.13 -11.73
C ASN A 15 -2.95 -7.69 -11.35
N ILE A 16 -2.98 -7.44 -10.06
CA ILE A 16 -2.74 -6.13 -9.53
C ILE A 16 -1.27 -5.74 -9.68
N LYS A 17 -0.37 -6.69 -9.42
CA LYS A 17 1.06 -6.44 -9.52
C LYS A 17 1.47 -6.20 -10.97
N ASP A 18 0.80 -6.88 -11.90
CA ASP A 18 1.08 -6.72 -13.31
C ASP A 18 0.74 -5.30 -13.73
N GLU A 19 -0.44 -4.83 -13.31
CA GLU A 19 -0.88 -3.48 -13.64
C GLU A 19 0.16 -2.45 -13.18
N LEU A 20 0.54 -2.53 -11.91
CA LEU A 20 1.53 -1.61 -11.35
C LEU A 20 2.80 -1.59 -12.21
N LYS A 21 3.19 -2.77 -12.68
CA LYS A 21 4.37 -2.90 -13.52
C LYS A 21 4.24 -2.03 -14.76
N LYS A 22 3.05 -2.06 -15.36
CA LYS A 22 2.77 -1.27 -16.55
C LYS A 22 2.95 0.21 -16.29
N VAL A 23 2.54 0.65 -15.10
CA VAL A 23 2.66 2.06 -14.73
C VAL A 23 4.01 2.36 -14.06
N CYS A 24 4.61 1.34 -13.48
CA CYS A 24 5.91 1.47 -12.81
C CYS A 24 6.76 0.27 -13.15
N SER A 25 7.97 0.57 -13.55
CA SER A 25 8.93 -0.45 -13.92
C SER A 25 9.89 -0.69 -12.79
N THR A 26 10.88 -1.51 -13.06
CA THR A 26 11.92 -1.84 -12.12
C THR A 26 12.45 -0.55 -11.55
N ASN A 27 12.63 0.43 -12.40
CA ASN A 27 13.11 1.72 -11.96
C ASN A 27 12.04 2.52 -11.22
N ASP A 28 10.82 2.53 -11.73
CA ASP A 28 9.74 3.27 -11.10
C ASP A 28 9.25 2.54 -9.87
N LEU A 29 9.32 1.21 -9.89
CA LEU A 29 8.86 0.45 -8.75
C LEU A 29 9.78 0.73 -7.54
N LYS A 30 11.08 0.75 -7.83
CA LYS A 30 12.08 1.02 -6.82
C LYS A 30 11.91 2.43 -6.31
N GLU A 31 11.47 3.33 -7.18
CA GLU A 31 11.25 4.72 -6.76
C GLU A 31 10.16 4.78 -5.69
N LEU A 32 9.08 4.05 -5.92
CA LEU A 32 7.96 4.02 -4.99
C LEU A 32 8.39 3.56 -3.60
N LEU A 33 9.04 2.42 -3.52
CA LEU A 33 9.46 1.94 -2.20
C LEU A 33 10.45 2.89 -1.54
N ILE A 34 11.24 3.58 -2.35
CA ILE A 34 12.24 4.54 -1.88
C ILE A 34 11.56 5.67 -1.12
N PHE A 35 10.44 6.17 -1.64
CA PHE A 35 9.72 7.23 -0.94
C PHE A 35 9.18 6.61 0.34
N ASN A 36 8.86 5.32 0.26
CA ASN A 36 8.38 4.57 1.40
C ASN A 36 9.56 4.19 2.29
N LYS A 37 10.77 4.56 1.85
CA LYS A 37 11.99 4.32 2.62
C LYS A 37 12.44 2.87 2.60
N GLN A 38 11.95 2.03 1.67
CA GLN A 38 12.38 0.63 1.72
C GLN A 38 13.30 0.20 0.56
N GLN A 39 14.45 -0.38 0.93
CA GLN A 39 15.42 -0.91 -0.04
C GLN A 39 15.86 -2.33 0.37
N VAL A 40 15.29 -3.35 -0.24
CA VAL A 40 15.63 -4.74 0.10
C VAL A 40 16.15 -5.56 -1.09
N PRO A 41 17.10 -6.51 -0.87
CA PRO A 41 17.61 -7.39 -1.94
C PRO A 41 16.44 -8.17 -2.54
N SER A 42 15.70 -8.82 -1.65
CA SER A 42 14.47 -9.55 -1.99
C SER A 42 13.38 -8.50 -2.20
N GLY A 43 13.85 -7.34 -2.61
CA GLY A 43 13.14 -6.12 -2.83
C GLY A 43 12.40 -6.05 -4.10
N GLU A 44 12.95 -5.24 -4.96
CA GLU A 44 12.36 -4.84 -6.22
C GLU A 44 11.45 -5.86 -6.82
N SER A 45 11.76 -7.12 -6.83
CA SER A 45 10.78 -8.06 -7.31
C SER A 45 9.69 -8.13 -6.25
N ALA A 46 10.15 -8.00 -5.02
CA ALA A 46 9.25 -7.96 -3.89
C ALA A 46 8.67 -6.58 -3.78
N ILE A 47 9.33 -5.61 -4.37
CA ILE A 47 8.85 -4.26 -4.33
C ILE A 47 7.52 -4.16 -5.07
N LEU A 48 7.47 -4.65 -6.31
CA LEU A 48 6.26 -4.58 -7.09
C LEU A 48 5.17 -5.46 -6.51
N ASP A 49 5.53 -6.66 -6.11
CA ASP A 49 4.53 -7.57 -5.57
C ASP A 49 3.76 -6.96 -4.38
N ARG A 50 4.53 -6.59 -3.39
CA ARG A 50 4.02 -5.99 -2.17
C ARG A 50 3.32 -4.68 -2.43
N VAL A 51 3.67 -3.98 -3.51
CA VAL A 51 2.98 -2.72 -3.78
C VAL A 51 1.56 -2.98 -4.19
N ALA A 52 1.37 -3.77 -5.25
CA ALA A 52 0.03 -4.07 -5.72
C ALA A 52 -0.85 -4.46 -4.55
N ASP A 53 -0.25 -5.25 -3.66
CA ASP A 53 -0.92 -5.70 -2.47
C ASP A 53 -1.43 -4.54 -1.61
N GLY A 54 -0.55 -3.58 -1.31
CA GLY A 54 -0.89 -2.45 -0.48
C GLY A 54 -1.90 -1.50 -1.08
N MET A 55 -1.92 -1.43 -2.40
CA MET A 55 -2.81 -0.54 -3.08
C MET A 55 -4.21 -1.00 -2.91
N VAL A 56 -4.42 -2.28 -3.17
CA VAL A 56 -5.74 -2.78 -3.09
C VAL A 56 -6.23 -2.92 -1.66
N PHE A 57 -5.54 -3.77 -0.95
CA PHE A 57 -5.81 -4.08 0.43
C PHE A 57 -5.29 -3.14 1.51
N GLY A 58 -4.19 -2.43 1.24
CA GLY A 58 -3.56 -1.75 2.39
C GLY A 58 -2.78 -0.47 2.25
N ALA A 59 -3.26 0.50 1.55
CA ALA A 59 -2.56 1.70 1.38
C ALA A 59 -3.04 2.69 2.45
N LEU A 60 -2.20 3.56 2.96
CA LEU A 60 -2.61 4.41 4.09
C LEU A 60 -3.38 5.67 3.68
N LEU A 61 -4.54 5.86 4.33
CA LEU A 61 -5.40 7.02 4.09
C LEU A 61 -5.57 7.84 5.35
N PRO A 62 -6.15 9.05 5.24
CA PRO A 62 -6.37 9.91 6.38
C PRO A 62 -6.98 9.16 7.56
N CYS A 63 -6.67 9.61 8.75
CA CYS A 63 -7.16 8.99 9.98
C CYS A 63 -8.31 9.82 10.50
N GLU A 64 -8.08 11.11 10.44
CA GLU A 64 -8.99 12.16 10.85
C GLU A 64 -9.34 12.00 12.30
N GLU A 65 -8.44 11.35 13.03
CA GLU A 65 -8.52 11.32 14.44
C GLU A 65 -7.86 12.61 14.82
N CYS A 66 -6.78 12.85 14.03
CA CYS A 66 -5.97 14.00 14.13
C CYS A 66 -6.19 14.90 12.95
N SER A 67 -7.17 14.56 12.12
CA SER A 67 -7.37 15.32 10.90
C SER A 67 -6.01 15.31 10.25
N GLY A 68 -5.53 14.08 10.06
CA GLY A 68 -4.25 13.85 9.56
C GLY A 68 -4.29 12.91 8.40
N GLN A 69 -3.12 12.59 8.00
CA GLN A 69 -2.86 11.69 6.90
C GLN A 69 -1.98 10.55 7.39
N LEU A 70 -2.31 9.33 6.99
CA LEU A 70 -1.54 8.20 7.42
C LEU A 70 -0.41 7.93 6.44
N VAL A 71 0.81 8.01 6.93
CA VAL A 71 1.95 7.69 6.14
C VAL A 71 2.61 6.57 6.89
N PHE A 72 2.84 5.47 6.24
CA PHE A 72 3.38 4.35 6.91
C PHE A 72 4.70 3.91 6.32
N LYS A 73 5.27 3.03 7.04
CA LYS A 73 6.47 2.36 6.71
C LYS A 73 6.25 0.90 7.07
N SER A 74 7.15 0.07 6.68
CA SER A 74 7.01 -1.35 6.95
C SER A 74 7.20 -1.66 8.43
N ASP A 75 6.16 -2.33 8.91
CA ASP A 75 5.97 -2.81 10.27
C ASP A 75 5.79 -1.67 11.28
N ALA A 76 5.40 -0.50 10.80
CA ALA A 76 5.09 0.62 11.65
C ALA A 76 4.45 1.67 10.80
N TYR A 77 3.17 1.87 10.92
CA TYR A 77 2.49 2.86 10.15
C TYR A 77 2.16 3.97 11.12
N TYR A 78 2.50 5.18 10.78
CA TYR A 78 2.22 6.26 11.67
C TYR A 78 1.35 7.33 11.02
N CYS A 79 0.27 7.68 11.70
CA CYS A 79 -0.64 8.71 11.21
C CYS A 79 -0.34 10.00 11.92
N THR A 80 -0.13 11.10 11.20
CA THR A 80 0.06 12.36 11.89
C THR A 80 -0.96 13.39 11.42
N GLY A 81 -1.74 13.93 12.33
CA GLY A 81 -2.70 14.94 11.97
C GLY A 81 -2.73 16.05 12.98
N ASP A 82 -3.35 17.14 12.60
CA ASP A 82 -3.53 18.27 13.49
C ASP A 82 -4.98 18.29 13.93
N VAL A 83 -5.18 18.35 15.23
CA VAL A 83 -6.52 18.33 15.79
C VAL A 83 -6.77 19.53 16.70
N THR A 84 -5.69 20.13 17.16
CA THR A 84 -5.75 21.28 18.02
C THR A 84 -4.56 22.18 17.74
N ALA A 85 -4.59 23.36 18.32
CA ALA A 85 -3.52 24.33 18.15
C ALA A 85 -2.25 23.88 18.87
N TRP A 86 -2.35 22.81 19.67
CA TRP A 86 -1.21 22.29 20.40
C TRP A 86 -1.41 20.81 20.71
N THR A 87 -2.21 20.15 19.87
CA THR A 87 -2.50 18.74 20.05
C THR A 87 -2.74 18.05 18.70
N LYS A 88 -2.08 16.92 18.51
CA LYS A 88 -2.21 16.16 17.30
C LYS A 88 -2.38 14.69 17.65
N CYS A 89 -2.71 13.89 16.66
CA CYS A 89 -2.87 12.44 16.88
C CYS A 89 -1.90 11.69 16.01
N MET A 90 -1.15 10.80 16.66
CA MET A 90 -0.24 9.94 15.99
C MET A 90 -0.65 8.54 16.36
N VAL A 91 -0.86 7.70 15.39
CA VAL A 91 -1.25 6.34 15.68
C VAL A 91 -0.29 5.39 15.05
N LYS A 92 0.21 4.51 15.84
CA LYS A 92 1.17 3.53 15.35
C LYS A 92 0.50 2.18 15.13
N THR A 93 -0.14 1.96 13.96
CA THR A 93 -0.73 0.64 13.75
C THR A 93 0.12 -0.06 12.71
N GLN A 94 0.49 -1.33 12.88
CA GLN A 94 1.33 -1.94 11.87
C GLN A 94 0.78 -1.58 10.52
N THR A 95 -0.40 -2.06 10.25
CA THR A 95 -1.07 -1.74 9.01
C THR A 95 -1.90 -0.48 9.20
N PRO A 96 -1.81 0.45 8.24
CA PRO A 96 -2.54 1.72 8.30
C PRO A 96 -3.99 1.56 7.95
N ASN A 97 -4.76 2.62 8.15
CA ASN A 97 -6.18 2.56 7.81
C ASN A 97 -6.22 2.35 6.31
N ARG A 98 -6.76 1.21 5.89
CA ARG A 98 -6.73 0.88 4.48
C ARG A 98 -7.76 1.59 3.62
N LYS A 99 -7.15 2.26 2.69
CA LYS A 99 -7.70 3.02 1.61
C LYS A 99 -6.59 3.04 0.57
N GLU A 100 -6.80 3.74 -0.53
CA GLU A 100 -5.80 3.81 -1.55
C GLU A 100 -4.68 4.74 -1.06
N TRP A 101 -3.47 4.24 -1.17
CA TRP A 101 -2.24 4.92 -0.70
C TRP A 101 -1.58 5.75 -1.75
N VAL A 102 -0.47 6.28 -1.30
CA VAL A 102 0.35 7.16 -2.08
C VAL A 102 1.39 6.38 -2.85
N THR A 103 1.28 6.54 -4.14
CA THR A 103 2.14 5.89 -5.12
C THR A 103 2.63 6.92 -6.13
N PRO A 104 3.90 6.83 -6.58
CA PRO A 104 4.51 7.77 -7.52
C PRO A 104 3.56 8.31 -8.59
N LYS A 105 4.07 9.29 -9.33
CA LYS A 105 3.33 9.96 -10.40
C LYS A 105 2.54 8.99 -11.29
N GLU A 106 3.25 8.12 -12.00
CA GLU A 106 2.60 7.15 -12.88
C GLU A 106 1.87 6.10 -12.06
N PHE A 107 2.23 6.03 -10.79
CA PHE A 107 1.63 5.07 -9.87
C PHE A 107 0.29 5.58 -9.33
N ARG A 108 0.13 6.91 -9.31
CA ARG A 108 -1.08 7.54 -8.79
C ARG A 108 -2.35 7.05 -9.49
N GLU A 109 -2.30 6.97 -10.82
CA GLU A 109 -3.47 6.54 -11.60
C GLU A 109 -4.17 5.33 -11.00
N ILE A 110 -3.44 4.52 -10.25
CA ILE A 110 -4.05 3.33 -9.68
C ILE A 110 -4.98 3.66 -8.53
N SER A 111 -6.25 3.49 -8.80
CA SER A 111 -7.31 3.72 -7.85
C SER A 111 -8.40 2.67 -8.07
N TYR A 112 -8.46 2.18 -9.31
CA TYR A 112 -9.43 1.17 -9.69
C TYR A 112 -9.02 -0.21 -9.19
N LEU A 113 -7.72 -0.45 -9.10
CA LEU A 113 -7.20 -1.75 -8.67
C LEU A 113 -7.93 -2.28 -7.44
N LYS A 114 -8.02 -1.46 -6.40
CA LYS A 114 -8.67 -1.87 -5.16
C LYS A 114 -10.14 -2.26 -5.41
N LYS A 115 -10.93 -1.29 -5.83
CA LYS A 115 -12.36 -1.49 -6.10
C LYS A 115 -12.61 -2.84 -6.78
N LEU A 116 -11.69 -3.22 -7.66
CA LEU A 116 -11.78 -4.46 -8.38
C LEU A 116 -11.77 -5.61 -7.41
N LYS A 117 -10.62 -5.84 -6.82
CA LYS A 117 -10.50 -6.91 -5.89
C LYS A 117 -9.72 -6.56 -4.62
N VAL A 118 -10.43 -6.05 -3.63
CA VAL A 118 -9.82 -5.74 -2.35
C VAL A 118 -10.12 -6.86 -1.40
N LYS A 119 -9.22 -7.79 -1.48
CA LYS A 119 -9.18 -8.95 -0.63
C LYS A 119 -8.12 -8.66 0.40
N LYS A 120 -8.07 -9.41 1.48
CA LYS A 120 -7.07 -9.14 2.44
C LYS A 120 -5.80 -9.76 1.94
N GLN A 121 -5.07 -8.92 1.28
CA GLN A 121 -3.79 -9.29 0.71
C GLN A 121 -2.67 -8.99 1.69
N ASP A 122 -1.46 -9.33 1.29
CA ASP A 122 -0.26 -9.15 2.11
C ASP A 122 0.51 -7.88 1.73
N ARG A 123 0.62 -6.99 2.71
CA ARG A 123 1.31 -5.72 2.53
C ARG A 123 2.83 -5.87 2.47
N ILE A 124 3.52 -4.74 2.39
CA ILE A 124 4.98 -4.71 2.33
C ILE A 124 5.59 -4.89 3.72
N PHE A 125 4.88 -5.60 4.60
CA PHE A 125 5.36 -5.84 5.96
C PHE A 125 6.07 -7.19 6.04
N PRO A 126 7.09 -7.30 6.92
CA PRO A 126 7.84 -8.55 7.10
C PRO A 126 6.93 -9.75 7.30
N LYS A 1 -14.47 -26.14 -3.08
CA LYS A 1 -14.75 -24.78 -3.60
C LYS A 1 -13.86 -23.74 -2.91
N LEU A 2 -13.41 -24.05 -1.71
CA LEU A 2 -12.55 -23.15 -0.96
C LEU A 2 -11.23 -23.00 -1.68
N GLU A 3 -10.80 -24.08 -2.34
CA GLU A 3 -9.57 -24.08 -3.08
C GLU A 3 -9.65 -23.12 -4.26
N LYS A 4 -10.77 -23.16 -4.96
CA LYS A 4 -10.98 -22.29 -6.10
C LYS A 4 -10.92 -20.83 -5.67
N ALA A 5 -11.47 -20.54 -4.50
CA ALA A 5 -11.46 -19.19 -3.96
C ALA A 5 -10.04 -18.68 -3.79
N LEU A 6 -9.21 -19.50 -3.15
CA LEU A 6 -7.82 -19.14 -2.90
C LEU A 6 -7.10 -18.82 -4.20
N LYS A 7 -7.33 -19.61 -5.23
CA LYS A 7 -6.69 -19.39 -6.53
C LYS A 7 -7.17 -18.10 -7.16
N ALA A 8 -8.37 -17.67 -6.83
CA ALA A 8 -8.90 -16.43 -7.39
C ALA A 8 -8.22 -15.22 -6.79
N GLN A 9 -8.02 -15.22 -5.47
CA GLN A 9 -7.38 -14.12 -4.79
C GLN A 9 -5.93 -13.99 -5.23
N ASN A 10 -5.28 -15.12 -5.37
CA ASN A 10 -3.88 -15.15 -5.77
C ASN A 10 -3.71 -14.59 -7.18
N ASP A 11 -4.63 -14.94 -8.06
CA ASP A 11 -4.58 -14.52 -9.45
C ASP A 11 -4.84 -13.03 -9.62
N LEU A 12 -5.63 -12.43 -8.75
CA LEU A 12 -5.90 -11.01 -8.86
C LEU A 12 -4.68 -10.25 -8.39
N ILE A 13 -4.05 -10.78 -7.36
CA ILE A 13 -2.85 -10.21 -6.81
C ILE A 13 -1.72 -10.12 -7.83
N TRP A 14 -1.39 -11.24 -8.47
CA TRP A 14 -0.31 -11.28 -9.44
C TRP A 14 -0.61 -10.53 -10.73
N ASN A 15 -1.88 -10.44 -11.12
CA ASN A 15 -2.24 -9.72 -12.33
C ASN A 15 -2.01 -8.24 -12.11
N ILE A 16 -2.27 -7.82 -10.90
CA ILE A 16 -2.09 -6.43 -10.51
C ILE A 16 -0.59 -6.09 -10.48
N LYS A 17 0.23 -7.04 -10.03
CA LYS A 17 1.67 -6.83 -9.98
C LYS A 17 2.25 -6.62 -11.36
N ASP A 18 1.81 -7.42 -12.31
CA ASP A 18 2.28 -7.31 -13.68
C ASP A 18 1.92 -5.94 -14.26
N GLU A 19 0.67 -5.53 -14.06
CA GLU A 19 0.22 -4.23 -14.58
C GLU A 19 1.10 -3.08 -14.10
N LEU A 20 1.27 -2.99 -12.78
CA LEU A 20 2.09 -1.94 -12.19
C LEU A 20 3.50 -1.96 -12.78
N LYS A 21 4.01 -3.16 -13.03
CA LYS A 21 5.33 -3.32 -13.61
C LYS A 21 5.40 -2.60 -14.95
N LYS A 22 4.33 -2.74 -15.74
CA LYS A 22 4.27 -2.08 -17.03
C LYS A 22 4.35 -0.57 -16.85
N VAL A 23 3.72 -0.09 -15.79
CA VAL A 23 3.73 1.34 -15.48
C VAL A 23 4.93 1.74 -14.60
N CYS A 24 5.57 0.74 -13.98
CA CYS A 24 6.72 0.98 -13.12
C CYS A 24 7.75 -0.11 -13.36
N SER A 25 8.97 0.33 -13.59
CA SER A 25 10.08 -0.56 -13.83
C SER A 25 10.88 -0.72 -12.57
N THR A 26 11.98 -1.43 -12.68
CA THR A 26 12.87 -1.64 -11.57
C THR A 26 13.17 -0.30 -10.94
N ASN A 27 13.38 0.69 -11.79
CA ASN A 27 13.67 2.02 -11.33
C ASN A 27 12.45 2.72 -10.75
N ASP A 28 11.31 2.62 -11.43
CA ASP A 28 10.09 3.25 -10.96
C ASP A 28 9.56 2.48 -9.76
N LEU A 29 9.83 1.18 -9.74
CA LEU A 29 9.40 0.34 -8.65
C LEU A 29 10.02 0.86 -7.35
N LYS A 30 11.33 1.03 -7.41
CA LYS A 30 12.11 1.54 -6.29
C LYS A 30 11.60 2.92 -5.93
N GLU A 31 11.13 3.68 -6.91
CA GLU A 31 10.63 5.02 -6.63
C GLU A 31 9.43 4.98 -5.67
N LEU A 32 8.42 4.20 -6.04
CA LEU A 32 7.22 4.09 -5.21
C LEU A 32 7.55 3.65 -3.80
N LEU A 33 8.39 2.64 -3.65
CA LEU A 33 8.71 2.19 -2.28
C LEU A 33 9.39 3.31 -1.47
N ILE A 34 10.23 4.11 -2.14
CA ILE A 34 10.88 5.24 -1.49
C ILE A 34 9.81 6.18 -0.97
N PHE A 35 8.70 6.23 -1.70
CA PHE A 35 7.54 7.01 -1.31
C PHE A 35 7.14 6.49 0.06
N ASN A 36 7.18 5.17 0.15
CA ASN A 36 6.88 4.48 1.39
C ASN A 36 8.09 4.53 2.33
N LYS A 37 9.21 5.02 1.80
CA LYS A 37 10.45 5.16 2.58
C LYS A 37 11.17 3.82 2.74
N GLN A 38 10.86 2.84 1.90
CA GLN A 38 11.50 1.52 2.05
C GLN A 38 12.43 1.15 0.88
N GLN A 39 13.65 0.74 1.24
CA GLN A 39 14.65 0.29 0.26
C GLN A 39 15.21 -1.06 0.71
N VAL A 40 14.71 -2.14 0.12
CA VAL A 40 15.14 -3.49 0.50
C VAL A 40 15.72 -4.30 -0.68
N PRO A 41 16.74 -5.16 -0.43
CA PRO A 41 17.33 -6.03 -1.46
C PRO A 41 16.24 -6.95 -2.02
N SER A 42 15.49 -7.51 -1.07
CA SER A 42 14.31 -8.34 -1.34
C SER A 42 13.17 -7.40 -1.71
N GLY A 43 13.58 -6.29 -2.26
CA GLY A 43 12.78 -5.17 -2.65
C GLY A 43 12.03 -5.35 -3.90
N GLU A 44 12.48 -4.65 -4.90
CA GLU A 44 11.83 -4.53 -6.19
C GLU A 44 11.03 -5.74 -6.59
N SER A 45 11.50 -6.94 -6.37
CA SER A 45 10.63 -8.06 -6.66
C SER A 45 9.53 -8.03 -5.62
N ALA A 46 9.94 -7.58 -4.44
CA ALA A 46 9.03 -7.40 -3.34
C ALA A 46 8.29 -6.11 -3.51
N ILE A 47 8.84 -5.21 -4.30
CA ILE A 47 8.19 -3.95 -4.52
C ILE A 47 6.91 -4.17 -5.31
N LEU A 48 6.93 -5.06 -6.29
CA LEU A 48 5.76 -5.35 -7.08
C LEU A 48 4.74 -6.10 -6.25
N ASP A 49 5.21 -7.09 -5.51
CA ASP A 49 4.29 -7.93 -4.72
C ASP A 49 3.54 -7.20 -3.58
N ARG A 50 4.31 -6.67 -2.65
CA ARG A 50 3.80 -5.99 -1.48
C ARG A 50 3.14 -4.70 -1.82
N VAL A 51 3.54 -4.07 -2.91
CA VAL A 51 2.92 -2.81 -3.29
C VAL A 51 1.52 -3.06 -3.83
N ALA A 52 1.40 -3.92 -4.84
CA ALA A 52 0.11 -4.22 -5.41
C ALA A 52 -0.89 -4.55 -4.30
N ASP A 53 -0.42 -5.30 -3.33
CA ASP A 53 -1.26 -5.68 -2.21
C ASP A 53 -1.67 -4.47 -1.36
N GLY A 54 -0.76 -3.53 -1.15
CA GLY A 54 -1.06 -2.37 -0.32
C GLY A 54 -2.01 -1.40 -0.97
N MET A 55 -1.99 -1.32 -2.28
CA MET A 55 -2.83 -0.41 -2.98
C MET A 55 -4.25 -0.89 -2.98
N VAL A 56 -4.42 -2.17 -3.24
CA VAL A 56 -5.76 -2.69 -3.30
C VAL A 56 -6.42 -2.77 -1.94
N PHE A 57 -5.82 -3.58 -1.10
CA PHE A 57 -6.30 -3.84 0.22
C PHE A 57 -5.96 -2.85 1.33
N GLY A 58 -4.87 -2.11 1.20
CA GLY A 58 -4.42 -1.39 2.39
C GLY A 58 -3.50 -0.22 2.29
N ALA A 59 -3.80 0.75 1.48
CA ALA A 59 -2.94 1.85 1.32
C ALA A 59 -3.35 2.90 2.34
N LEU A 60 -2.44 3.70 2.87
CA LEU A 60 -2.77 4.55 4.00
C LEU A 60 -3.49 5.86 3.66
N LEU A 61 -4.57 6.10 4.42
CA LEU A 61 -5.39 7.31 4.27
C LEU A 61 -5.40 8.12 5.56
N PRO A 62 -5.78 9.40 5.47
CA PRO A 62 -5.85 10.27 6.62
C PRO A 62 -6.54 9.56 7.77
N CYS A 63 -6.34 10.04 8.98
CA CYS A 63 -6.96 9.39 10.12
C CYS A 63 -8.25 10.09 10.44
N GLU A 64 -8.10 11.36 10.67
CA GLU A 64 -9.17 12.22 11.12
C GLU A 64 -9.69 11.59 12.39
N GLU A 65 -8.80 10.80 12.98
CA GLU A 65 -8.96 10.25 14.27
C GLU A 65 -8.51 11.34 15.15
N CYS A 66 -7.42 11.94 14.64
CA CYS A 66 -6.76 12.99 15.28
C CYS A 66 -6.50 14.12 14.27
N SER A 67 -7.29 14.12 13.19
CA SER A 67 -7.17 15.10 12.13
C SER A 67 -5.77 15.11 11.56
N GLY A 68 -5.31 13.90 11.29
CA GLY A 68 -4.05 13.67 10.72
C GLY A 68 -4.21 12.90 9.44
N GLN A 69 -3.09 12.58 8.93
CA GLN A 69 -2.91 11.81 7.72
C GLN A 69 -1.99 10.64 8.04
N LEU A 70 -2.38 9.44 7.63
CA LEU A 70 -1.60 8.27 7.93
C LEU A 70 -0.50 8.04 6.92
N VAL A 71 0.73 8.05 7.40
CA VAL A 71 1.86 7.75 6.57
C VAL A 71 2.51 6.58 7.26
N PHE A 72 2.73 5.51 6.55
CA PHE A 72 3.27 4.35 7.16
C PHE A 72 4.51 3.92 6.44
N LYS A 73 5.12 2.99 7.09
CA LYS A 73 6.29 2.32 6.64
C LYS A 73 6.05 0.84 6.90
N SER A 74 6.91 0.01 6.42
CA SER A 74 6.75 -1.41 6.58
C SER A 74 6.99 -1.85 8.01
N ASP A 75 5.97 -2.53 8.48
CA ASP A 75 5.85 -3.12 9.82
C ASP A 75 5.76 -2.06 10.92
N ALA A 76 5.34 -0.85 10.54
CA ALA A 76 5.12 0.21 11.49
C ALA A 76 4.45 1.35 10.77
N TYR A 77 3.18 1.58 10.98
CA TYR A 77 2.51 2.67 10.33
C TYR A 77 2.32 3.74 11.37
N TYR A 78 2.71 4.94 11.06
CA TYR A 78 2.57 6.02 11.99
C TYR A 78 1.69 7.12 11.38
N CYS A 79 0.66 7.52 12.10
CA CYS A 79 -0.21 8.59 11.63
C CYS A 79 0.21 9.89 12.29
N THR A 80 0.47 10.94 11.50
CA THR A 80 0.81 12.23 12.10
C THR A 80 -0.16 13.29 11.60
N GLY A 81 -0.83 13.97 12.51
CA GLY A 81 -1.79 14.97 12.18
C GLY A 81 -1.72 16.16 13.10
N ASP A 82 -2.50 17.16 12.81
CA ASP A 82 -2.60 18.30 13.68
C ASP A 82 -4.00 18.28 14.26
N VAL A 83 -4.12 18.34 15.58
CA VAL A 83 -5.44 18.29 16.21
C VAL A 83 -5.72 19.51 17.07
N THR A 84 -4.68 20.09 17.60
CA THR A 84 -4.79 21.26 18.43
C THR A 84 -3.55 22.10 18.24
N ALA A 85 -3.60 23.29 18.80
CA ALA A 85 -2.50 24.26 18.73
C ALA A 85 -1.27 23.67 18.04
N TRP A 86 -0.42 23.00 18.82
CA TRP A 86 0.78 22.37 18.31
C TRP A 86 0.79 20.92 18.74
N THR A 87 -0.39 20.33 18.68
CA THR A 87 -0.56 18.97 19.08
C THR A 87 -0.48 18.06 17.88
N LYS A 88 0.38 17.08 18.04
CA LYS A 88 0.64 16.07 17.05
C LYS A 88 0.05 14.75 17.46
N CYS A 89 -0.58 14.12 16.49
CA CYS A 89 -1.21 12.84 16.67
C CYS A 89 -0.35 11.78 16.06
N MET A 90 -0.02 10.76 16.84
CA MET A 90 0.70 9.65 16.33
C MET A 90 -0.07 8.41 16.70
N VAL A 91 -0.41 7.62 15.73
CA VAL A 91 -1.08 6.37 16.04
C VAL A 91 -0.27 5.26 15.44
N LYS A 92 0.07 4.31 16.23
CA LYS A 92 0.92 3.23 15.76
C LYS A 92 0.16 1.97 15.40
N THR A 93 -0.25 1.79 14.13
CA THR A 93 -0.91 0.54 13.78
C THR A 93 -0.05 -0.14 12.74
N GLN A 94 0.27 -1.42 12.86
CA GLN A 94 1.15 -2.03 11.85
C GLN A 94 0.67 -1.60 10.49
N THR A 95 -0.48 -2.10 10.12
CA THR A 95 -1.07 -1.71 8.87
C THR A 95 -1.89 -0.46 9.12
N PRO A 96 -1.76 0.54 8.25
CA PRO A 96 -2.46 1.80 8.41
C PRO A 96 -3.93 1.68 8.09
N ASN A 97 -4.68 2.74 8.37
CA ASN A 97 -6.10 2.72 8.08
C ASN A 97 -6.21 2.59 6.57
N ARG A 98 -6.81 1.47 6.15
CA ARG A 98 -6.89 1.17 4.75
C ARG A 98 -7.98 1.91 4.00
N LYS A 99 -7.45 2.60 3.03
CA LYS A 99 -8.08 3.40 2.04
C LYS A 99 -7.08 3.43 0.90
N GLU A 100 -7.38 4.16 -0.14
CA GLU A 100 -6.46 4.24 -1.24
C GLU A 100 -5.31 5.16 -0.80
N TRP A 101 -4.11 4.65 -0.99
CA TRP A 101 -2.85 5.33 -0.59
C TRP A 101 -2.27 6.19 -1.67
N VAL A 102 -1.15 6.71 -1.26
CA VAL A 102 -0.35 7.63 -2.04
C VAL A 102 0.67 6.88 -2.89
N THR A 103 0.48 7.08 -4.18
CA THR A 103 1.30 6.48 -5.23
C THR A 103 1.71 7.54 -6.26
N PRO A 104 2.96 7.48 -6.77
CA PRO A 104 3.45 8.45 -7.76
C PRO A 104 2.43 8.73 -8.86
N LYS A 105 2.76 9.69 -9.73
CA LYS A 105 1.88 10.07 -10.83
C LYS A 105 1.57 8.88 -11.72
N GLU A 106 2.61 8.15 -12.12
CA GLU A 106 2.44 6.99 -12.99
C GLU A 106 1.46 5.98 -12.40
N PHE A 107 1.28 6.04 -11.08
CA PHE A 107 0.37 5.12 -10.40
C PHE A 107 -1.08 5.60 -10.48
N ARG A 108 -1.27 6.88 -10.80
CA ARG A 108 -2.60 7.47 -10.88
C ARG A 108 -3.62 6.55 -11.53
N GLU A 109 -3.23 5.87 -12.60
CA GLU A 109 -4.13 4.96 -13.31
C GLU A 109 -4.74 3.92 -12.38
N ILE A 110 -4.09 3.67 -11.24
CA ILE A 110 -4.58 2.68 -10.31
C ILE A 110 -5.80 3.19 -9.55
N SER A 111 -6.16 2.50 -8.48
CA SER A 111 -7.33 2.84 -7.66
C SER A 111 -8.53 2.05 -8.17
N TYR A 112 -8.52 1.73 -9.46
CA TYR A 112 -9.59 0.96 -10.07
C TYR A 112 -9.43 -0.52 -9.77
N LEU A 113 -8.24 -1.04 -10.02
CA LEU A 113 -7.93 -2.44 -9.77
C LEU A 113 -8.30 -2.83 -8.33
N LYS A 114 -8.00 -1.93 -7.40
CA LYS A 114 -8.27 -2.17 -5.98
C LYS A 114 -9.68 -2.73 -5.76
N LYS A 115 -10.68 -1.92 -6.05
CA LYS A 115 -12.07 -2.30 -5.87
C LYS A 115 -12.45 -3.52 -6.71
N LEU A 116 -11.94 -3.57 -7.94
CA LEU A 116 -12.21 -4.68 -8.82
C LEU A 116 -11.65 -5.93 -8.23
N LYS A 117 -10.45 -5.79 -7.68
CA LYS A 117 -9.79 -6.88 -7.07
C LYS A 117 -9.18 -6.53 -5.72
N VAL A 118 -9.99 -6.59 -4.68
CA VAL A 118 -9.51 -6.31 -3.33
C VAL A 118 -9.99 -7.34 -2.34
N LYS A 119 -9.16 -8.33 -2.22
CA LYS A 119 -9.34 -9.39 -1.26
C LYS A 119 -8.47 -8.98 -0.09
N LYS A 120 -8.63 -9.58 1.07
CA LYS A 120 -7.82 -9.18 2.16
C LYS A 120 -6.49 -9.83 2.00
N GLN A 121 -5.66 -9.08 1.35
CA GLN A 121 -4.29 -9.47 1.09
C GLN A 121 -3.37 -8.90 2.17
N ASP A 122 -2.09 -9.21 2.08
CA ASP A 122 -1.10 -8.77 3.05
C ASP A 122 -0.11 -7.76 2.45
N ARG A 123 0.34 -6.88 3.31
CA ARG A 123 1.29 -5.82 2.95
C ARG A 123 2.70 -6.18 3.38
N ILE A 124 3.61 -5.24 3.16
CA ILE A 124 5.01 -5.41 3.54
C ILE A 124 5.15 -5.44 5.06
N PHE A 125 4.60 -6.48 5.68
CA PHE A 125 4.66 -6.62 7.13
C PHE A 125 5.02 -8.06 7.52
N PRO A 126 5.75 -8.23 8.64
CA PRO A 126 6.16 -9.56 9.11
C PRO A 126 4.97 -10.40 9.58
N LYS A 1 -15.69 -25.26 -1.55
CA LYS A 1 -15.22 -24.26 -2.55
C LYS A 1 -13.97 -23.53 -2.05
N LEU A 2 -13.21 -24.19 -1.19
CA LEU A 2 -11.99 -23.61 -0.66
C LEU A 2 -10.97 -23.44 -1.77
N GLU A 3 -10.99 -24.39 -2.70
CA GLU A 3 -10.07 -24.35 -3.82
C GLU A 3 -10.38 -23.15 -4.71
N LYS A 4 -11.67 -22.90 -4.94
CA LYS A 4 -12.08 -21.78 -5.76
C LYS A 4 -11.60 -20.47 -5.15
N ALA A 5 -11.68 -20.39 -3.83
CA ALA A 5 -11.24 -19.19 -3.12
C ALA A 5 -9.77 -18.92 -3.37
N LEU A 6 -8.96 -19.95 -3.25
CA LEU A 6 -7.52 -19.84 -3.45
C LEU A 6 -7.20 -19.31 -4.85
N LYS A 7 -7.91 -19.81 -5.86
CA LYS A 7 -7.67 -19.37 -7.23
C LYS A 7 -8.10 -17.93 -7.45
N ALA A 8 -9.05 -17.45 -6.67
CA ALA A 8 -9.51 -16.08 -6.79
C ALA A 8 -8.49 -15.11 -6.22
N GLN A 9 -7.85 -15.48 -5.11
CA GLN A 9 -6.85 -14.63 -4.49
C GLN A 9 -5.59 -14.57 -5.33
N ASN A 10 -5.24 -15.69 -5.92
CA ASN A 10 -4.05 -15.76 -6.75
C ASN A 10 -4.20 -14.92 -8.02
N ASP A 11 -5.38 -14.98 -8.63
CA ASP A 11 -5.63 -14.26 -9.87
C ASP A 11 -5.78 -12.75 -9.66
N LEU A 12 -6.26 -12.32 -8.51
CA LEU A 12 -6.42 -10.89 -8.26
C LEU A 12 -5.05 -10.28 -8.00
N ILE A 13 -4.24 -11.03 -7.29
CA ILE A 13 -2.90 -10.62 -6.95
C ILE A 13 -2.03 -10.42 -8.21
N TRP A 14 -2.06 -11.40 -9.10
CA TRP A 14 -1.28 -11.38 -10.32
C TRP A 14 -1.74 -10.32 -11.32
N ASN A 15 -3.04 -10.04 -11.36
CA ASN A 15 -3.58 -9.04 -12.28
C ASN A 15 -3.17 -7.66 -11.82
N ILE A 16 -3.10 -7.52 -10.52
CA ILE A 16 -2.70 -6.27 -9.90
C ILE A 16 -1.23 -5.95 -10.19
N LYS A 17 -0.39 -6.98 -10.10
CA LYS A 17 1.04 -6.83 -10.37
C LYS A 17 1.27 -6.40 -11.81
N ASP A 18 0.55 -7.01 -12.73
CA ASP A 18 0.68 -6.67 -14.14
C ASP A 18 0.34 -5.20 -14.37
N GLU A 19 -0.76 -4.76 -13.77
CA GLU A 19 -1.19 -3.37 -13.91
C GLU A 19 -0.09 -2.38 -13.49
N LEU A 20 0.44 -2.57 -12.29
CA LEU A 20 1.48 -1.69 -11.78
C LEU A 20 2.67 -1.66 -12.74
N LYS A 21 3.00 -2.81 -13.30
CA LYS A 21 4.11 -2.92 -14.24
C LYS A 21 3.90 -1.98 -15.41
N LYS A 22 2.65 -1.92 -15.90
CA LYS A 22 2.31 -1.05 -17.02
C LYS A 22 2.53 0.41 -16.67
N VAL A 23 2.13 0.79 -15.46
CA VAL A 23 2.27 2.18 -15.01
C VAL A 23 3.66 2.46 -14.44
N CYS A 24 4.33 1.41 -13.97
CA CYS A 24 5.67 1.52 -13.42
C CYS A 24 6.50 0.35 -13.87
N SER A 25 7.68 0.68 -14.34
CA SER A 25 8.62 -0.28 -14.84
C SER A 25 9.66 -0.59 -13.79
N THR A 26 10.63 -1.38 -14.17
CA THR A 26 11.72 -1.73 -13.30
C THR A 26 12.28 -0.47 -12.68
N ASN A 27 12.39 0.56 -13.51
CA ASN A 27 12.91 1.83 -13.06
C ASN A 27 11.92 2.59 -12.17
N ASP A 28 10.66 2.63 -12.57
CA ASP A 28 9.64 3.32 -11.81
C ASP A 28 9.30 2.52 -10.57
N LEU A 29 9.43 1.21 -10.69
CA LEU A 29 9.16 0.31 -9.58
C LEU A 29 10.10 0.63 -8.42
N LYS A 30 11.39 0.69 -8.76
CA LYS A 30 12.44 0.99 -7.82
C LYS A 30 12.26 2.37 -7.25
N GLU A 31 11.75 3.30 -8.05
CA GLU A 31 11.55 4.65 -7.55
C GLU A 31 10.55 4.68 -6.41
N LEU A 32 9.45 3.96 -6.58
CA LEU A 32 8.41 3.89 -5.56
C LEU A 32 8.96 3.34 -4.26
N LEU A 33 9.59 2.18 -4.30
CA LEU A 33 10.11 1.61 -3.05
C LEU A 33 11.11 2.56 -2.38
N ILE A 34 11.83 3.33 -3.19
CA ILE A 34 12.81 4.28 -2.70
C ILE A 34 12.14 5.34 -1.83
N PHE A 35 10.97 5.83 -2.26
CA PHE A 35 10.26 6.82 -1.46
C PHE A 35 9.81 6.15 -0.18
N ASN A 36 9.52 4.84 -0.29
CA ASN A 36 9.13 4.06 0.86
C ASN A 36 10.38 3.70 1.68
N LYS A 37 11.54 4.11 1.16
CA LYS A 37 12.82 3.89 1.84
C LYS A 37 13.34 2.47 1.67
N GLN A 38 12.83 1.70 0.70
CA GLN A 38 13.30 0.32 0.57
C GLN A 38 14.13 0.05 -0.69
N GLN A 39 15.32 -0.54 -0.47
CA GLN A 39 16.23 -0.94 -1.54
C GLN A 39 16.69 -2.38 -1.32
N VAL A 40 16.09 -3.32 -2.05
CA VAL A 40 16.43 -4.75 -1.86
C VAL A 40 16.94 -5.44 -3.14
N PRO A 41 17.89 -6.40 -3.01
CA PRO A 41 18.39 -7.16 -4.17
C PRO A 41 17.23 -8.00 -4.72
N SER A 42 16.56 -8.65 -3.78
CA SER A 42 15.34 -9.42 -4.02
C SER A 42 14.19 -8.42 -4.02
N GLY A 43 14.58 -7.20 -4.37
CA GLY A 43 13.80 -6.01 -4.41
C GLY A 43 12.92 -5.90 -5.60
N GLU A 44 13.32 -5.01 -6.46
CA GLU A 44 12.56 -4.60 -7.62
C GLU A 44 11.67 -5.69 -8.21
N SER A 45 12.09 -6.92 -8.25
CA SER A 45 11.15 -7.92 -8.69
C SER A 45 10.14 -8.07 -7.56
N ALA A 46 10.68 -7.88 -6.37
CA ALA A 46 9.87 -7.91 -5.17
C ALA A 46 9.19 -6.58 -5.00
N ILE A 47 9.72 -5.56 -5.66
CA ILE A 47 9.12 -4.25 -5.56
C ILE A 47 7.77 -4.25 -6.26
N LEU A 48 7.67 -4.87 -7.43
CA LEU A 48 6.41 -4.93 -8.14
C LEU A 48 5.43 -5.83 -7.43
N ASP A 49 5.89 -6.99 -6.99
CA ASP A 49 4.99 -7.94 -6.34
C ASP A 49 4.35 -7.45 -5.03
N ARG A 50 5.20 -7.14 -4.08
CA ARG A 50 4.81 -6.68 -2.76
C ARG A 50 4.18 -5.33 -2.81
N VAL A 51 4.49 -4.53 -3.81
CA VAL A 51 3.90 -3.20 -3.90
C VAL A 51 2.44 -3.31 -4.30
N ALA A 52 2.15 -3.95 -5.43
CA ALA A 52 0.77 -4.10 -5.87
C ALA A 52 -0.05 -4.61 -4.69
N ASP A 53 0.55 -5.55 -3.97
CA ASP A 53 -0.05 -6.13 -2.80
C ASP A 53 -0.38 -5.05 -1.76
N GLY A 54 0.50 -4.07 -1.58
CA GLY A 54 0.29 -3.01 -0.62
C GLY A 54 -0.80 -2.04 -1.01
N MET A 55 -1.00 -1.86 -2.30
CA MET A 55 -2.00 -0.93 -2.79
C MET A 55 -3.34 -1.44 -2.44
N VAL A 56 -3.57 -2.69 -2.76
CA VAL A 56 -4.86 -3.25 -2.51
C VAL A 56 -5.13 -3.48 -1.03
N PHE A 57 -4.28 -4.29 -0.47
CA PHE A 57 -4.35 -4.67 0.91
C PHE A 57 -3.83 -3.70 1.95
N GLY A 58 -2.89 -2.82 1.61
CA GLY A 58 -2.28 -2.08 2.72
C GLY A 58 -1.62 -0.75 2.55
N ALA A 59 -2.21 0.16 1.85
CA ALA A 59 -1.62 1.43 1.69
C ALA A 59 -2.24 2.36 2.74
N LEU A 60 -1.50 3.31 3.29
CA LEU A 60 -2.04 4.12 4.38
C LEU A 60 -2.84 5.34 3.94
N LEU A 61 -4.05 5.48 4.52
CA LEU A 61 -4.93 6.63 4.23
C LEU A 61 -5.21 7.45 5.46
N PRO A 62 -5.73 8.68 5.27
CA PRO A 62 -6.05 9.57 6.38
C PRO A 62 -6.78 8.82 7.48
N CYS A 63 -6.70 9.33 8.69
CA CYS A 63 -7.37 8.67 9.79
C CYS A 63 -8.77 9.20 9.91
N GLU A 64 -8.81 10.49 10.06
CA GLU A 64 -10.01 11.24 10.33
C GLU A 64 -10.58 10.64 11.60
N GLU A 65 -9.66 10.02 12.32
CA GLU A 65 -9.86 9.53 13.64
C GLU A 65 -9.63 10.74 14.46
N CYS A 66 -8.56 11.42 14.01
CA CYS A 66 -8.09 12.59 14.62
C CYS A 66 -7.82 13.66 13.55
N SER A 67 -8.49 13.50 12.40
CA SER A 67 -8.36 14.42 11.27
C SER A 67 -6.92 14.53 10.83
N GLY A 68 -6.30 13.38 10.69
CA GLY A 68 -4.98 13.25 10.24
C GLY A 68 -4.93 12.39 9.00
N GLN A 69 -3.72 12.18 8.63
CA GLN A 69 -3.32 11.37 7.49
C GLN A 69 -2.35 10.30 7.97
N LEU A 70 -2.53 9.08 7.52
CA LEU A 70 -1.69 7.99 7.97
C LEU A 70 -0.50 7.75 7.08
N VAL A 71 0.69 7.89 7.66
CA VAL A 71 1.90 7.57 6.96
C VAL A 71 2.55 6.51 7.81
N PHE A 72 2.87 5.38 7.24
CA PHE A 72 3.42 4.33 8.01
C PHE A 72 4.75 3.89 7.44
N LYS A 73 5.34 3.06 8.23
CA LYS A 73 6.57 2.42 7.95
C LYS A 73 6.36 0.99 8.40
N SER A 74 7.28 0.14 8.09
CA SER A 74 7.17 -1.25 8.46
C SER A 74 7.37 -1.45 9.95
N ASP A 75 6.35 -2.09 10.49
CA ASP A 75 6.19 -2.46 11.90
C ASP A 75 5.98 -1.25 12.81
N ALA A 76 5.54 -0.14 12.23
CA ALA A 76 5.19 1.02 12.99
C ALA A 76 4.50 1.99 12.07
N TYR A 77 3.21 2.15 12.18
CA TYR A 77 2.51 3.07 11.34
C TYR A 77 2.15 4.23 12.23
N TYR A 78 2.47 5.42 11.82
CA TYR A 78 2.17 6.58 12.60
C TYR A 78 1.29 7.55 11.83
N CYS A 79 0.17 7.93 12.45
CA CYS A 79 -0.76 8.88 11.85
C CYS A 79 -0.53 10.26 12.44
N THR A 80 -0.33 11.28 11.60
CA THR A 80 -0.20 12.64 12.13
C THR A 80 -1.24 13.54 11.48
N GLY A 81 -2.06 14.18 12.28
CA GLY A 81 -3.11 15.03 11.78
C GLY A 81 -3.25 16.28 12.60
N ASP A 82 -4.10 17.16 12.17
CA ASP A 82 -4.38 18.37 12.91
C ASP A 82 -5.73 18.18 13.58
N VAL A 83 -5.79 18.38 14.88
CA VAL A 83 -7.05 18.19 15.62
C VAL A 83 -7.45 19.45 16.37
N THR A 84 -6.47 20.26 16.68
CA THR A 84 -6.66 21.50 17.38
C THR A 84 -5.64 22.52 16.92
N ALA A 85 -5.83 23.74 17.33
CA ALA A 85 -4.93 24.83 16.97
C ALA A 85 -3.54 24.64 17.59
N TRP A 86 -3.41 23.66 18.49
CA TRP A 86 -2.14 23.40 19.14
C TRP A 86 -2.08 21.94 19.59
N THR A 87 -2.81 21.08 18.90
CA THR A 87 -2.84 19.66 19.23
C THR A 87 -2.80 18.81 17.97
N LYS A 88 -1.89 17.84 17.97
CA LYS A 88 -1.74 16.95 16.87
C LYS A 88 -2.22 15.57 17.27
N CYS A 89 -2.34 14.72 16.28
CA CYS A 89 -2.79 13.36 16.46
C CYS A 89 -1.73 12.37 16.04
N MET A 90 -1.40 11.45 16.94
CA MET A 90 -0.50 10.40 16.61
C MET A 90 -1.18 9.10 16.94
N VAL A 91 -1.28 8.22 15.98
CA VAL A 91 -1.87 6.92 16.26
C VAL A 91 -0.85 5.89 15.88
N LYS A 92 -0.56 5.02 16.79
CA LYS A 92 0.45 4.02 16.52
C LYS A 92 -0.14 2.65 16.24
N THR A 93 -0.48 2.33 14.97
CA THR A 93 -0.98 0.98 14.72
C THR A 93 0.02 0.29 13.84
N GLN A 94 0.46 -0.93 14.12
CA GLN A 94 1.47 -1.54 13.27
C GLN A 94 1.08 -1.29 11.83
N THR A 95 -0.07 -1.81 11.46
CA THR A 95 -0.60 -1.61 10.13
C THR A 95 -1.50 -0.39 10.17
N PRO A 96 -1.39 0.49 9.17
CA PRO A 96 -2.19 1.69 9.11
C PRO A 96 -3.57 1.39 8.58
N ASN A 97 -4.45 2.38 8.65
CA ASN A 97 -5.80 2.19 8.15
C ASN A 97 -5.67 1.96 6.65
N ARG A 98 -6.08 0.76 6.22
CA ARG A 98 -5.92 0.37 4.84
C ARG A 98 -6.94 0.99 3.89
N LYS A 99 -6.31 1.66 2.97
CA LYS A 99 -6.85 2.37 1.85
C LYS A 99 -5.69 2.47 0.87
N GLU A 100 -5.86 3.17 -0.21
CA GLU A 100 -4.82 3.30 -1.18
C GLU A 100 -3.77 4.27 -0.63
N TRP A 101 -2.54 3.87 -0.83
CA TRP A 101 -1.31 4.55 -0.35
C TRP A 101 -0.74 5.55 -1.29
N VAL A 102 0.37 6.06 -0.80
CA VAL A 102 1.14 7.08 -1.48
C VAL A 102 2.13 6.43 -2.40
N THR A 103 1.95 6.76 -3.66
CA THR A 103 2.72 6.23 -4.76
C THR A 103 3.20 7.34 -5.71
N PRO A 104 4.45 7.25 -6.20
CA PRO A 104 5.04 8.25 -7.11
C PRO A 104 4.09 8.73 -8.20
N LYS A 105 4.61 9.58 -9.07
CA LYS A 105 3.86 10.19 -10.17
C LYS A 105 2.94 9.21 -10.90
N GLU A 106 3.51 8.20 -11.55
CA GLU A 106 2.72 7.23 -12.29
C GLU A 106 2.02 6.27 -11.35
N PHE A 107 2.79 5.73 -10.41
CA PHE A 107 2.28 4.79 -9.42
C PHE A 107 1.05 5.35 -8.69
N ARG A 108 0.94 6.69 -8.67
CA ARG A 108 -0.17 7.35 -7.99
C ARG A 108 -1.51 7.13 -8.70
N GLU A 109 -1.45 6.84 -10.00
CA GLU A 109 -2.67 6.63 -10.78
C GLU A 109 -3.51 5.49 -10.23
N ILE A 110 -2.95 4.67 -9.35
CA ILE A 110 -3.69 3.54 -8.84
C ILE A 110 -4.74 3.97 -7.83
N SER A 111 -5.98 3.85 -8.27
CA SER A 111 -7.14 4.17 -7.46
C SER A 111 -8.20 3.11 -7.70
N TYR A 112 -8.23 2.62 -8.94
CA TYR A 112 -9.16 1.58 -9.35
C TYR A 112 -8.85 0.25 -8.66
N LEU A 113 -7.57 0.02 -8.38
CA LEU A 113 -7.13 -1.23 -7.75
C LEU A 113 -8.05 -1.62 -6.59
N LYS A 114 -8.41 -0.65 -5.78
CA LYS A 114 -9.27 -0.88 -4.61
C LYS A 114 -10.55 -1.64 -4.97
N LYS A 115 -11.38 -1.01 -5.79
CA LYS A 115 -12.68 -1.55 -6.21
C LYS A 115 -12.61 -2.86 -6.99
N LEU A 116 -11.62 -3.00 -7.86
CA LEU A 116 -11.51 -4.17 -8.68
C LEU A 116 -11.30 -5.39 -7.85
N LYS A 117 -10.11 -5.50 -7.28
CA LYS A 117 -9.82 -6.63 -6.46
C LYS A 117 -9.09 -6.28 -5.17
N VAL A 118 -9.85 -5.93 -4.15
CA VAL A 118 -9.26 -5.62 -2.87
C VAL A 118 -10.04 -6.22 -1.73
N LYS A 119 -9.62 -7.42 -1.40
CA LYS A 119 -10.15 -8.13 -0.26
C LYS A 119 -9.41 -7.54 0.91
N LYS A 120 -9.83 -7.76 2.13
CA LYS A 120 -9.12 -7.19 3.20
C LYS A 120 -7.95 -8.08 3.50
N GLN A 121 -6.89 -7.72 2.85
CA GLN A 121 -5.61 -8.39 3.01
C GLN A 121 -4.71 -7.55 3.92
N ASP A 122 -3.52 -8.06 4.17
CA ASP A 122 -2.57 -7.38 5.03
C ASP A 122 -1.28 -7.05 4.28
N ARG A 123 -0.52 -6.12 4.86
CA ARG A 123 0.75 -5.68 4.29
C ARG A 123 1.92 -6.02 5.19
N ILE A 124 3.13 -6.00 4.61
CA ILE A 124 4.39 -6.28 5.32
C ILE A 124 4.19 -7.08 6.60
N PHE A 125 3.51 -6.47 7.56
CA PHE A 125 3.24 -7.13 8.83
C PHE A 125 1.79 -7.60 8.93
N PRO A 126 1.55 -8.91 8.72
CA PRO A 126 0.21 -9.49 8.79
C PRO A 126 -0.33 -9.56 10.21
#